data_9U93
#
_entry.id   9U93
#
_cell.length_a   1.00
_cell.length_b   1.00
_cell.length_c   1.00
_cell.angle_alpha   90.00
_cell.angle_beta   90.00
_cell.angle_gamma   90.00
#
_symmetry.space_group_name_H-M   'P 1'
#
loop_
_entity.id
_entity.type
_entity.pdbx_description
1 polymer 'Fusobacterium nucleatum CbpF'
2 polymer 'Cell adhesion molecule CEACAM5'
#
loop_
_entity_poly.entity_id
_entity_poly.type
_entity_poly.pdbx_seq_one_letter_code
_entity_poly.pdbx_strand_id
1 'polypeptide(L)'
;MVSFSAPVFQAGTGTDSTVAGVNNEANGEKSSAFGYENKAKEKLSSAFGYKNIANGIEGSAFGISNLAKGQYSSAFGFRN
VANKRHSSAFGSGNEANGEQSSAFGFKNTVSGFNSSAFGSQYEVTGNFSGAFGMGEFNGQYQYKNEGNNSYMIGNKNKIA
SGSNDNFILGNNVHIGGGINNSVALGNNSTVSASNTVSVGSSTLKRKIVNVGDGAISANSSDAVTGRQLYSGNGIDTAAW
QNKLNVTRKNDYKDANDIDVNKWKAKLGVGSGGGGGTADIENLRNEVNEKIDDVKDEVRENLYFQGSAWSHPQFEKGGGS
GGGSGGSAWSHPQFEKHHHHHH
;
C,B,A
2 'polypeptide(L)'
;MKLTIESTPFNVAEGKEVLLLVHNLPQHLFGYSWYKGERVDGNRQIIGYVIGTQQATPGPAYSGREIIYPNASLLIQNII
QNDTGFYTLHVIKSDLVNEEATGQFRVYPELENLYFQGSAWSHPQFEKGGGSGGGSGGSAWSHPQFEK
;
F,D,E
#
# COMPACT_ATOMS: atom_id res chain seq x y z
N SER A 5 17.16 29.12 33.96
CA SER A 5 18.57 29.49 33.78
C SER A 5 18.80 30.05 32.38
N ALA A 6 19.88 30.82 32.24
CA ALA A 6 20.19 31.42 30.95
C ALA A 6 20.67 30.35 29.96
N PRO A 7 20.41 30.55 28.66
CA PRO A 7 20.89 29.59 27.67
C PRO A 7 22.42 29.53 27.64
N VAL A 8 22.92 28.34 27.31
CA VAL A 8 24.36 28.09 27.29
C VAL A 8 24.72 27.40 25.98
N PHE A 9 25.91 27.70 25.47
CA PHE A 9 26.43 27.16 24.21
C PHE A 9 27.89 26.76 24.45
N GLN A 10 28.14 25.49 24.70
CA GLN A 10 29.50 25.07 25.04
C GLN A 10 29.65 23.57 24.82
N ALA A 11 30.74 23.01 25.35
CA ALA A 11 31.02 21.59 25.25
C ALA A 11 30.43 20.84 26.45
N GLY A 12 30.09 19.59 26.22
CA GLY A 12 29.54 18.73 27.24
C GLY A 12 30.59 18.00 28.03
N THR A 13 30.17 16.92 28.69
CA THR A 13 31.06 16.10 29.50
C THR A 13 31.76 15.01 28.70
N GLY A 14 31.46 14.90 27.40
CA GLY A 14 32.11 13.94 26.55
C GLY A 14 33.11 14.57 25.61
N THR A 15 33.99 13.75 25.03
CA THR A 15 34.99 14.26 24.10
C THR A 15 34.33 14.70 22.80
N ASP A 16 34.64 15.92 22.36
CA ASP A 16 34.08 16.50 21.14
C ASP A 16 32.56 16.52 21.18
N SER A 17 32.00 16.90 22.32
CA SER A 17 30.56 17.00 22.52
C SER A 17 30.12 18.46 22.48
N THR A 18 28.81 18.66 22.28
CA THR A 18 28.26 20.01 22.14
C THR A 18 26.87 20.08 22.76
N VAL A 19 26.66 21.07 23.62
CA VAL A 19 25.36 21.42 24.17
C VAL A 19 25.04 22.84 23.75
N ALA A 20 23.84 23.04 23.21
CA ALA A 20 23.39 24.35 22.76
C ALA A 20 21.92 24.51 23.09
N GLY A 21 21.62 25.39 24.06
CA GLY A 21 20.24 25.59 24.47
C GLY A 21 20.06 25.75 25.96
N VAL A 22 19.02 25.14 26.51
CA VAL A 22 18.70 25.29 27.93
C VAL A 22 18.76 23.92 28.60
N ASN A 23 19.65 23.79 29.58
CA ASN A 23 19.76 22.58 30.41
C ASN A 23 19.91 21.32 29.57
N ASN A 24 20.93 21.30 28.72
CA ASN A 24 21.22 20.18 27.85
C ASN A 24 22.46 19.43 28.36
N GLU A 25 22.45 18.11 28.23
CA GLU A 25 23.58 17.29 28.61
C GLU A 25 23.90 16.31 27.49
N ALA A 26 25.18 16.21 27.15
CA ALA A 26 25.68 15.30 26.12
C ALA A 26 26.83 14.50 26.73
N ASN A 27 26.54 13.28 27.18
CA ASN A 27 27.51 12.46 27.90
C ASN A 27 28.28 11.52 26.99
N GLY A 28 27.98 11.49 25.70
CA GLY A 28 28.62 10.56 24.79
C GLY A 28 29.75 11.20 23.99
N GLU A 29 30.45 10.35 23.24
CA GLU A 29 31.54 10.78 22.39
C GLU A 29 30.98 11.31 21.07
N LYS A 30 31.34 12.55 20.74
CA LYS A 30 30.89 13.21 19.51
C LYS A 30 29.35 13.25 19.44
N SER A 31 28.73 13.60 20.56
CA SER A 31 27.28 13.69 20.67
C SER A 31 26.85 15.15 20.70
N SER A 32 25.60 15.39 20.30
CA SER A 32 25.08 16.74 20.17
C SER A 32 23.69 16.84 20.78
N ALA A 33 23.49 17.86 21.63
CA ALA A 33 22.20 18.15 22.24
C ALA A 33 21.83 19.59 21.94
N PHE A 34 20.77 19.79 21.14
CA PHE A 34 20.35 21.11 20.70
C PHE A 34 18.89 21.33 21.06
N GLY A 35 18.62 22.40 21.81
CA GLY A 35 17.26 22.78 22.12
C GLY A 35 16.94 22.96 23.59
N TYR A 36 15.86 22.35 24.05
CA TYR A 36 15.42 22.48 25.44
C TYR A 36 15.46 21.12 26.13
N GLU A 37 16.38 20.97 27.09
CA GLU A 37 16.47 19.81 27.97
C GLU A 37 16.50 18.50 27.18
N ASN A 38 17.54 18.37 26.36
CA ASN A 38 17.76 17.17 25.57
C ASN A 38 18.89 16.35 26.17
N LYS A 39 18.84 15.04 25.94
CA LYS A 39 19.83 14.11 26.50
C LYS A 39 20.36 13.21 25.39
N ALA A 40 21.67 13.28 25.16
CA ALA A 40 22.37 12.37 24.25
C ALA A 40 23.39 11.60 25.09
N LYS A 41 23.14 10.31 25.28
CA LYS A 41 23.88 9.52 26.26
C LYS A 41 24.88 8.54 25.65
N GLU A 42 24.89 8.36 24.33
CA GLU A 42 25.74 7.35 23.73
C GLU A 42 26.65 7.93 22.67
N LYS A 43 27.37 7.06 21.96
CA LYS A 43 28.34 7.48 20.96
C LYS A 43 27.63 7.88 19.67
N LEU A 44 27.98 9.05 19.14
CA LEU A 44 27.42 9.57 17.89
C LEU A 44 25.89 9.66 17.94
N SER A 45 25.38 10.26 19.01
CA SER A 45 23.96 10.40 19.22
C SER A 45 23.54 11.86 19.09
N SER A 46 22.36 12.08 18.50
CA SER A 46 21.86 13.42 18.21
C SER A 46 20.46 13.60 18.78
N ALA A 47 20.28 14.66 19.57
CA ALA A 47 18.99 14.99 20.16
C ALA A 47 18.65 16.44 19.83
N PHE A 48 17.66 16.64 18.95
CA PHE A 48 17.29 17.97 18.48
C PHE A 48 15.83 18.25 18.79
N GLY A 49 15.57 19.34 19.51
CA GLY A 49 14.22 19.79 19.74
C GLY A 49 13.83 20.02 21.19
N TYR A 50 12.71 19.42 21.60
CA TYR A 50 12.15 19.60 22.94
C TYR A 50 12.10 18.27 23.65
N LYS A 51 12.96 18.10 24.66
CA LYS A 51 12.94 16.94 25.57
C LYS A 51 13.06 15.62 24.81
N ASN A 52 14.18 15.45 24.13
CA ASN A 52 14.47 14.25 23.35
C ASN A 52 15.57 13.44 24.05
N ILE A 53 15.43 12.12 23.99
CA ILE A 53 16.39 11.20 24.59
C ILE A 53 16.91 10.29 23.48
N ALA A 54 18.23 10.26 23.32
CA ALA A 54 18.90 9.35 22.39
C ALA A 54 19.78 8.43 23.21
N ASN A 55 19.32 7.20 23.44
CA ASN A 55 19.97 6.27 24.36
C ASN A 55 20.64 5.11 23.64
N GLY A 56 20.83 5.22 22.32
CA GLY A 56 21.46 4.17 21.56
C GLY A 56 22.62 4.70 20.74
N ILE A 57 23.49 3.77 20.34
CA ILE A 57 24.63 4.13 19.51
C ILE A 57 24.14 4.50 18.12
N GLU A 58 24.49 5.70 17.66
CA GLU A 58 24.07 6.24 16.36
C GLU A 58 22.54 6.26 16.25
N GLY A 59 21.89 6.79 17.26
CA GLY A 59 20.46 6.98 17.27
C GLY A 59 20.11 8.46 17.18
N SER A 60 18.99 8.75 16.52
CA SER A 60 18.59 10.14 16.26
C SER A 60 17.18 10.38 16.78
N ALA A 61 17.03 11.44 17.58
CA ALA A 61 15.73 11.87 18.07
C ALA A 61 15.50 13.30 17.61
N PHE A 62 14.47 13.50 16.79
CA PHE A 62 14.23 14.82 16.18
C PHE A 62 12.76 15.19 16.38
N GLY A 63 12.53 16.31 17.07
CA GLY A 63 11.19 16.81 17.25
C GLY A 63 10.79 17.10 18.67
N ILE A 64 9.66 16.53 19.10
CA ILE A 64 9.11 16.80 20.42
C ILE A 64 8.90 15.48 21.15
N SER A 65 9.63 15.28 22.24
CA SER A 65 9.46 14.14 23.15
C SER A 65 9.58 12.81 22.42
N ASN A 66 10.76 12.57 21.85
CA ASN A 66 11.04 11.36 21.10
C ASN A 66 12.06 10.50 21.83
N LEU A 67 11.94 9.18 21.65
CA LEU A 67 12.84 8.22 22.26
C LEU A 67 13.43 7.32 21.19
N ALA A 68 14.75 7.18 21.19
CA ALA A 68 15.47 6.31 20.26
C ALA A 68 16.44 5.46 21.07
N LYS A 69 16.06 4.21 21.35
CA LYS A 69 16.83 3.34 22.22
C LYS A 69 17.67 2.32 21.47
N GLY A 70 17.26 1.91 20.26
CA GLY A 70 17.96 0.90 19.52
C GLY A 70 19.15 1.45 18.74
N GLN A 71 19.97 0.53 18.25
CA GLN A 71 21.13 0.87 17.44
C GLN A 71 20.68 1.23 16.03
N TYR A 72 21.20 2.34 15.51
CA TYR A 72 20.80 2.87 14.20
C TYR A 72 19.29 3.08 14.13
N SER A 73 18.74 3.68 15.19
CA SER A 73 17.31 3.90 15.30
C SER A 73 16.98 5.37 15.02
N SER A 74 15.75 5.60 14.57
CA SER A 74 15.32 6.94 14.17
C SER A 74 13.91 7.21 14.68
N ALA A 75 13.76 8.29 15.45
CA ALA A 75 12.46 8.75 15.92
C ALA A 75 12.27 10.18 15.43
N PHE A 76 11.24 10.39 14.59
CA PHE A 76 11.03 11.69 13.96
C PHE A 76 9.57 12.11 14.13
N GLY A 77 9.36 13.25 14.81
CA GLY A 77 8.03 13.81 14.92
C GLY A 77 7.57 14.14 16.31
N PHE A 78 6.44 13.55 16.71
CA PHE A 78 5.80 13.83 17.99
C PHE A 78 5.56 12.52 18.73
N ARG A 79 6.32 12.30 19.79
CA ARG A 79 6.15 11.19 20.72
C ARG A 79 6.21 9.84 20.00
N ASN A 80 7.38 9.56 19.46
CA ASN A 80 7.65 8.31 18.76
C ASN A 80 8.74 7.53 19.48
N VAL A 81 8.61 6.21 19.46
CA VAL A 81 9.53 5.31 20.16
C VAL A 81 10.10 4.31 19.17
N ALA A 82 11.43 4.24 19.09
CA ALA A 82 12.13 3.23 18.32
C ALA A 82 13.03 2.44 19.27
N ASN A 83 12.90 1.11 19.27
CA ASN A 83 13.51 0.28 20.29
C ASN A 83 14.54 -0.72 19.78
N LYS A 84 14.43 -1.17 18.54
CA LYS A 84 15.29 -2.24 18.04
C LYS A 84 16.27 -1.69 17.00
N ARG A 85 17.07 -2.58 16.43
CA ARG A 85 18.10 -2.19 15.47
C ARG A 85 17.45 -1.93 14.11
N HIS A 86 17.84 -0.80 13.50
CA HIS A 86 17.35 -0.39 12.18
C HIS A 86 15.82 -0.24 12.17
N SER A 87 15.27 0.31 13.25
CA SER A 87 13.84 0.58 13.35
C SER A 87 13.56 2.06 13.13
N SER A 88 12.38 2.34 12.58
CA SER A 88 12.02 3.69 12.18
C SER A 88 10.61 4.02 12.63
N ALA A 89 10.48 5.15 13.33
CA ALA A 89 9.16 5.66 13.75
C ALA A 89 9.01 7.08 13.21
N PHE A 90 8.02 7.28 12.34
CA PHE A 90 7.82 8.58 11.69
C PHE A 90 6.37 9.02 11.86
N GLY A 91 6.18 10.18 12.47
CA GLY A 91 4.86 10.74 12.60
C GLY A 91 4.44 11.03 14.03
N SER A 92 3.25 10.58 14.41
CA SER A 92 2.68 10.88 15.72
C SER A 92 2.34 9.58 16.44
N GLY A 93 2.93 9.37 17.61
CA GLY A 93 2.58 8.26 18.48
C GLY A 93 2.90 6.87 17.94
N ASN A 94 4.04 6.72 17.26
CA ASN A 94 4.40 5.44 16.67
C ASN A 94 5.42 4.72 17.53
N GLU A 95 5.28 3.40 17.64
CA GLU A 95 6.21 2.55 18.36
C GLU A 95 6.68 1.43 17.43
N ALA A 96 8.00 1.22 17.40
CA ALA A 96 8.61 0.18 16.58
C ALA A 96 9.45 -0.71 17.49
N ASN A 97 8.94 -1.92 17.77
CA ASN A 97 9.61 -2.87 18.65
C ASN A 97 10.08 -4.11 17.90
N GLY A 98 10.36 -3.97 16.62
CA GLY A 98 10.85 -5.08 15.82
C GLY A 98 12.08 -4.68 15.03
N GLU A 99 12.96 -5.65 14.82
CA GLU A 99 14.18 -5.40 14.08
C GLU A 99 13.85 -5.16 12.61
N GLN A 100 14.37 -4.06 12.06
CA GLN A 100 14.12 -3.66 10.67
C GLN A 100 12.62 -3.54 10.40
N SER A 101 11.93 -2.83 11.28
CA SER A 101 10.50 -2.59 11.18
C SER A 101 10.23 -1.10 10.99
N SER A 102 9.06 -0.80 10.41
CA SER A 102 8.74 0.58 10.07
C SER A 102 7.31 0.91 10.49
N ALA A 103 7.17 2.02 11.23
CA ALA A 103 5.86 2.54 11.62
C ALA A 103 5.72 3.95 11.08
N PHE A 104 4.71 4.23 10.25
CA PHE A 104 4.59 5.56 9.60
C PHE A 104 3.11 5.99 9.60
N GLY A 105 2.77 7.16 10.17
CA GLY A 105 1.39 7.71 10.22
C GLY A 105 0.93 8.10 11.62
N PHE A 106 -0.22 7.61 12.09
CA PHE A 106 -0.79 7.94 13.43
C PHE A 106 -1.00 6.70 14.30
N LYS A 107 -0.44 6.67 15.51
CA LYS A 107 -0.60 5.59 16.52
C LYS A 107 -0.51 4.20 15.91
N ASN A 108 0.65 3.83 15.37
CA ASN A 108 0.85 2.45 14.86
C ASN A 108 1.88 1.76 15.73
N THR A 109 1.81 0.45 15.85
CA THR A 109 2.72 -0.39 16.61
C THR A 109 3.11 -1.60 15.76
N VAL A 110 4.41 -1.85 15.65
CA VAL A 110 4.96 -3.00 14.94
C VAL A 110 5.92 -3.72 15.86
N SER A 111 5.75 -5.04 16.00
CA SER A 111 6.61 -5.85 16.87
C SER A 111 7.09 -7.12 16.16
N GLY A 112 7.19 -7.10 14.84
CA GLY A 112 7.62 -8.27 14.10
C GLY A 112 8.90 -8.05 13.32
N PHE A 113 9.51 -9.14 12.86
CA PHE A 113 10.74 -9.07 12.08
C PHE A 113 10.40 -8.72 10.63
N ASN A 114 10.93 -7.59 10.16
CA ASN A 114 10.68 -7.11 8.79
C ASN A 114 9.19 -6.94 8.51
N SER A 115 8.56 -6.05 9.28
CA SER A 115 7.14 -5.77 9.13
C SER A 115 6.92 -4.27 8.97
N SER A 116 5.81 -3.91 8.32
CA SER A 116 5.54 -2.52 7.98
C SER A 116 4.09 -2.16 8.31
N ALA A 117 3.90 -0.98 8.90
CA ALA A 117 2.56 -0.45 9.15
C ALA A 117 2.47 0.98 8.65
N PHE A 118 1.47 1.24 7.81
CA PHE A 118 1.22 2.59 7.31
C PHE A 118 -0.23 2.97 7.56
N GLY A 119 -0.42 4.11 8.21
CA GLY A 119 -1.77 4.64 8.40
C GLY A 119 -2.14 4.94 9.83
N SER A 120 -3.33 4.51 10.24
CA SER A 120 -3.89 4.86 11.54
C SER A 120 -4.23 3.60 12.34
N GLN A 121 -3.60 3.47 13.50
CA GLN A 121 -3.96 2.53 14.57
C GLN A 121 -4.24 1.11 14.07
N TYR A 122 -3.19 0.52 13.51
CA TYR A 122 -3.00 -0.92 13.40
C TYR A 122 -1.84 -1.42 14.25
N GLU A 123 -1.91 -2.70 14.58
CA GLU A 123 -0.83 -3.44 15.23
C GLU A 123 -0.49 -4.66 14.39
N VAL A 124 0.80 -4.86 14.14
CA VAL A 124 1.29 -6.01 13.39
C VAL A 124 2.25 -6.76 14.29
N THR A 125 1.89 -7.99 14.67
CA THR A 125 2.71 -8.82 15.53
C THR A 125 3.31 -10.02 14.81
N GLY A 126 2.97 -10.24 13.55
CA GLY A 126 3.51 -11.35 12.78
C GLY A 126 4.81 -10.97 12.08
N ASN A 127 5.47 -12.00 11.58
CA ASN A 127 6.74 -11.85 10.87
C ASN A 127 6.49 -11.76 9.37
N PHE A 128 7.21 -10.83 8.72
CA PHE A 128 7.11 -10.62 7.27
C PHE A 128 5.67 -10.30 6.85
N SER A 129 5.02 -9.45 7.63
CA SER A 129 3.63 -9.07 7.40
C SER A 129 3.53 -7.57 7.14
N GLY A 130 2.33 -7.13 6.76
CA GLY A 130 2.13 -5.73 6.43
C GLY A 130 0.70 -5.23 6.55
N ALA A 131 0.56 -3.99 7.01
CA ALA A 131 -0.75 -3.39 7.24
C ALA A 131 -0.84 -2.01 6.61
N PHE A 132 -1.90 -1.77 5.85
CA PHE A 132 -2.14 -0.48 5.22
C PHE A 132 -3.59 -0.06 5.50
N GLY A 133 -3.77 0.95 6.35
CA GLY A 133 -5.11 1.42 6.59
C GLY A 133 -5.45 1.83 8.01
N MET A 134 -6.68 1.54 8.45
CA MET A 134 -7.21 2.08 9.69
C MET A 134 -7.82 1.01 10.58
N GLY A 135 -7.55 1.12 11.88
CA GLY A 135 -8.16 0.25 12.88
C GLY A 135 -8.80 1.01 14.01
N GLU A 136 -8.45 0.66 15.26
CA GLU A 136 -9.04 1.31 16.42
C GLU A 136 -8.14 1.13 17.63
N PHE A 137 -8.07 2.16 18.47
CA PHE A 137 -7.30 2.14 19.70
C PHE A 137 -8.08 2.85 20.80
N ASN A 138 -8.29 2.16 21.92
CA ASN A 138 -8.94 2.76 23.09
C ASN A 138 -8.25 2.37 24.39
N GLY A 139 -6.92 2.22 24.38
CA GLY A 139 -6.17 1.64 25.49
C GLY A 139 -5.56 0.30 25.14
N GLN A 140 -6.25 -0.48 24.32
CA GLN A 140 -5.71 -1.71 23.74
C GLN A 140 -6.10 -1.74 22.27
N TYR A 141 -5.31 -2.46 21.48
CA TYR A 141 -5.57 -2.58 20.05
C TYR A 141 -6.64 -3.65 19.81
N GLN A 142 -7.68 -3.30 19.06
CA GLN A 142 -8.80 -4.20 18.82
C GLN A 142 -8.66 -4.99 17.52
N TYR A 143 -7.75 -4.60 16.64
CA TYR A 143 -7.56 -5.29 15.36
C TYR A 143 -6.05 -5.44 15.12
N LYS A 144 -5.59 -6.69 15.05
CA LYS A 144 -4.18 -6.98 14.90
C LYS A 144 -3.96 -7.94 13.75
N ASN A 145 -2.74 -7.92 13.21
CA ASN A 145 -2.28 -8.87 12.20
C ASN A 145 -1.30 -9.82 12.88
N GLU A 146 -1.80 -10.97 13.32
CA GLU A 146 -1.02 -11.93 14.08
C GLU A 146 -0.49 -13.07 13.22
N GLY A 147 -0.65 -13.00 11.90
CA GLY A 147 -0.22 -14.05 11.00
C GLY A 147 1.10 -13.73 10.33
N ASN A 148 1.81 -14.77 9.92
CA ASN A 148 3.09 -14.62 9.23
C ASN A 148 2.89 -14.63 7.73
N ASN A 149 3.65 -13.79 7.03
CA ASN A 149 3.59 -13.68 5.57
C ASN A 149 2.19 -13.34 5.08
N SER A 150 1.51 -12.44 5.79
CA SER A 150 0.15 -12.04 5.48
C SER A 150 0.09 -10.52 5.35
N TYR A 151 -0.82 -10.04 4.49
CA TYR A 151 -0.93 -8.61 4.24
C TYR A 151 -2.40 -8.20 4.25
N MET A 152 -2.69 -7.03 4.84
CA MET A 152 -4.06 -6.55 4.86
C MET A 152 -4.14 -5.06 4.54
N ILE A 153 -5.15 -4.71 3.74
CA ILE A 153 -5.38 -3.35 3.27
C ILE A 153 -6.84 -2.99 3.50
N GLY A 154 -7.08 -2.00 4.35
CA GLY A 154 -8.43 -1.49 4.52
C GLY A 154 -8.69 -1.07 5.97
N ASN A 155 -9.93 -1.34 6.40
CA ASN A 155 -10.42 -0.92 7.70
C ASN A 155 -10.94 -2.13 8.48
N LYS A 156 -10.49 -2.26 9.73
CA LYS A 156 -11.04 -3.19 10.71
C LYS A 156 -10.97 -4.64 10.20
N ASN A 157 -9.73 -5.10 10.01
CA ASN A 157 -9.45 -6.46 9.58
C ASN A 157 -8.65 -7.18 10.66
N LYS A 158 -8.86 -8.50 10.76
CA LYS A 158 -8.20 -9.32 11.76
C LYS A 158 -7.67 -10.61 11.14
N ILE A 159 -6.47 -10.99 11.55
CA ILE A 159 -5.89 -12.29 11.22
C ILE A 159 -5.38 -12.91 12.52
N ALA A 160 -5.81 -14.14 12.80
CA ALA A 160 -5.51 -14.77 14.07
C ALA A 160 -4.10 -15.37 14.07
N SER A 161 -3.71 -15.94 15.21
CA SER A 161 -2.42 -16.58 15.36
C SER A 161 -2.51 -18.02 14.87
N GLY A 162 -1.58 -18.41 14.01
CA GLY A 162 -1.60 -19.71 13.37
C GLY A 162 -2.15 -19.71 11.97
N SER A 163 -2.77 -18.62 11.54
CA SER A 163 -3.27 -18.47 10.17
C SER A 163 -2.23 -17.70 9.37
N ASN A 164 -1.57 -18.39 8.44
CA ASN A 164 -0.45 -17.84 7.71
C ASN A 164 -0.74 -17.79 6.22
N ASP A 165 -0.02 -16.91 5.52
CA ASP A 165 -0.12 -16.75 4.07
C ASP A 165 -1.53 -16.36 3.64
N ASN A 166 -1.97 -15.20 4.13
CA ASN A 166 -3.30 -14.68 3.84
C ASN A 166 -3.23 -13.23 3.37
N PHE A 167 -4.15 -12.87 2.49
CA PHE A 167 -4.18 -11.54 1.91
C PHE A 167 -5.60 -11.00 1.96
N ILE A 168 -5.77 -9.80 2.50
CA ILE A 168 -7.07 -9.17 2.63
C ILE A 168 -7.04 -7.80 1.97
N LEU A 169 -8.02 -7.54 1.11
CA LEU A 169 -8.23 -6.25 0.48
C LEU A 169 -9.69 -5.88 0.68
N GLY A 170 -10.00 -5.22 1.80
CA GLY A 170 -11.40 -4.94 2.06
C GLY A 170 -11.63 -4.47 3.48
N ASN A 171 -12.90 -4.51 3.88
CA ASN A 171 -13.35 -3.98 5.16
C ASN A 171 -14.08 -5.07 5.95
N ASN A 172 -13.84 -5.09 7.26
CA ASN A 172 -14.58 -5.93 8.20
C ASN A 172 -14.48 -7.41 7.82
N VAL A 173 -13.24 -7.88 7.67
CA VAL A 173 -12.96 -9.29 7.37
C VAL A 173 -12.19 -9.87 8.54
N HIS A 174 -12.73 -10.92 9.15
CA HIS A 174 -12.10 -11.59 10.28
C HIS A 174 -11.79 -13.02 9.88
N ILE A 175 -10.52 -13.41 10.00
CA ILE A 175 -10.07 -14.75 9.66
C ILE A 175 -9.76 -15.50 10.95
N GLY A 176 -10.37 -16.67 11.12
CA GLY A 176 -10.17 -17.47 12.30
C GLY A 176 -8.93 -18.33 12.21
N GLY A 177 -8.77 -19.18 13.23
CA GLY A 177 -7.61 -20.05 13.31
C GLY A 177 -7.78 -21.29 12.46
N GLY A 178 -6.67 -21.74 11.87
CA GLY A 178 -6.66 -22.92 11.04
C GLY A 178 -6.86 -22.69 9.56
N ILE A 179 -6.82 -21.44 9.09
CA ILE A 179 -7.03 -21.10 7.69
C ILE A 179 -5.72 -20.61 7.11
N ASN A 180 -5.28 -21.25 6.02
CA ASN A 180 -4.05 -20.89 5.33
C ASN A 180 -4.29 -20.83 3.83
N ASN A 181 -3.50 -20.00 3.16
CA ASN A 181 -3.51 -19.87 1.70
C ASN A 181 -4.90 -19.47 1.19
N SER A 182 -5.36 -18.29 1.63
CA SER A 182 -6.68 -17.81 1.26
C SER A 182 -6.60 -16.35 0.86
N VAL A 183 -7.54 -15.93 0.00
CA VAL A 183 -7.67 -14.56 -0.45
C VAL A 183 -9.11 -14.12 -0.26
N ALA A 184 -9.29 -12.90 0.23
CA ALA A 184 -10.61 -12.31 0.46
C ALA A 184 -10.69 -10.99 -0.29
N LEU A 185 -11.81 -10.76 -0.96
CA LEU A 185 -12.03 -9.55 -1.75
C LEU A 185 -13.40 -8.97 -1.42
N GLY A 186 -13.46 -7.66 -1.26
CA GLY A 186 -14.71 -6.95 -1.12
C GLY A 186 -15.00 -6.58 0.33
N ASN A 187 -16.05 -5.77 0.48
CA ASN A 187 -16.51 -5.34 1.79
C ASN A 187 -17.45 -6.37 2.39
N ASN A 188 -17.26 -6.65 3.68
CA ASN A 188 -18.06 -7.62 4.42
C ASN A 188 -18.01 -9.01 3.76
N SER A 189 -16.81 -9.54 3.67
CA SER A 189 -16.56 -10.86 3.10
C SER A 189 -16.12 -11.82 4.19
N THR A 190 -16.36 -13.11 3.96
CA THR A 190 -16.06 -14.16 4.93
C THR A 190 -15.20 -15.23 4.30
N VAL A 191 -14.24 -15.74 5.08
CA VAL A 191 -13.40 -16.87 4.69
C VAL A 191 -13.55 -17.94 5.76
N SER A 192 -13.89 -19.15 5.33
CA SER A 192 -14.13 -20.26 6.26
C SER A 192 -13.41 -21.54 5.88
N ALA A 193 -12.50 -21.49 4.90
CA ALA A 193 -11.79 -22.69 4.48
C ALA A 193 -10.44 -22.29 3.90
N SER A 194 -9.54 -23.27 3.83
CA SER A 194 -8.22 -23.06 3.28
C SER A 194 -8.23 -23.30 1.77
N ASN A 195 -7.28 -22.65 1.08
CA ASN A 195 -7.13 -22.77 -0.37
C ASN A 195 -8.39 -22.32 -1.10
N THR A 196 -8.86 -21.12 -0.78
CA THR A 196 -10.12 -20.61 -1.33
C THR A 196 -9.97 -19.13 -1.65
N VAL A 197 -10.83 -18.66 -2.56
CA VAL A 197 -10.97 -17.25 -2.88
C VAL A 197 -12.44 -16.88 -2.73
N SER A 198 -12.71 -15.88 -1.89
CA SER A 198 -14.08 -15.49 -1.56
C SER A 198 -14.37 -14.09 -2.11
N VAL A 199 -15.58 -13.93 -2.64
CA VAL A 199 -16.01 -12.65 -3.20
C VAL A 199 -17.34 -12.22 -2.57
N GLY A 200 -17.60 -12.70 -1.35
CA GLY A 200 -18.82 -12.34 -0.67
C GLY A 200 -18.99 -13.11 0.62
N SER A 201 -20.24 -13.18 1.08
CA SER A 201 -20.58 -13.88 2.31
C SER A 201 -21.86 -14.67 2.08
N SER A 202 -22.41 -15.21 3.16
CA SER A 202 -23.61 -16.04 3.08
C SER A 202 -24.89 -15.22 3.04
N THR A 203 -24.81 -13.91 3.26
CA THR A 203 -25.97 -13.03 3.18
C THR A 203 -26.00 -12.16 1.93
N LEU A 204 -24.83 -11.80 1.40
CA LEU A 204 -24.72 -11.05 0.16
C LEU A 204 -23.68 -11.71 -0.73
N LYS A 205 -24.04 -11.93 -2.00
CA LYS A 205 -23.16 -12.58 -2.96
C LYS A 205 -22.98 -11.67 -4.16
N ARG A 206 -21.80 -11.74 -4.77
CA ARG A 206 -21.39 -10.83 -5.83
C ARG A 206 -21.26 -11.59 -7.14
N LYS A 207 -21.61 -10.90 -8.23
CA LYS A 207 -21.46 -11.45 -9.57
C LYS A 207 -20.10 -11.07 -10.15
N ILE A 208 -19.56 -11.92 -11.01
CA ILE A 208 -18.32 -11.66 -11.72
C ILE A 208 -18.65 -11.39 -13.18
N VAL A 209 -18.19 -10.26 -13.70
CA VAL A 209 -18.58 -9.79 -15.03
C VAL A 209 -17.34 -9.59 -15.87
N ASN A 210 -17.56 -9.52 -17.19
CA ASN A 210 -16.51 -9.27 -18.18
C ASN A 210 -15.45 -10.36 -18.16
N VAL A 211 -15.91 -11.59 -18.35
CA VAL A 211 -15.07 -12.77 -18.32
C VAL A 211 -15.00 -13.37 -19.71
N GLY A 212 -13.78 -13.72 -20.14
CA GLY A 212 -13.60 -14.36 -21.43
C GLY A 212 -14.00 -15.82 -21.42
N ASP A 213 -14.02 -16.40 -22.62
CA ASP A 213 -14.45 -17.78 -22.78
C ASP A 213 -13.31 -18.75 -22.47
N GLY A 214 -13.59 -19.76 -21.65
CA GLY A 214 -12.61 -20.77 -21.34
C GLY A 214 -12.70 -21.97 -22.28
N ALA A 215 -11.66 -22.80 -22.22
CA ALA A 215 -11.59 -23.99 -23.07
C ALA A 215 -12.48 -25.08 -22.51
N ILE A 216 -13.20 -25.76 -23.40
CA ILE A 216 -14.09 -26.86 -23.02
C ILE A 216 -13.39 -28.13 -23.48
N SER A 217 -12.61 -28.73 -22.57
CA SER A 217 -11.88 -29.95 -22.84
C SER A 217 -11.79 -30.77 -21.55
N ALA A 218 -11.16 -31.93 -21.64
CA ALA A 218 -11.08 -32.81 -20.47
C ALA A 218 -10.23 -32.20 -19.36
N ASN A 219 -9.02 -31.76 -19.70
CA ASN A 219 -8.13 -31.11 -18.73
C ASN A 219 -8.16 -29.60 -18.95
N SER A 220 -9.24 -28.97 -18.47
CA SER A 220 -9.43 -27.53 -18.62
C SER A 220 -9.88 -26.95 -17.29
N SER A 221 -8.99 -26.23 -16.61
CA SER A 221 -9.31 -25.55 -15.37
C SER A 221 -9.59 -24.07 -15.61
N ASP A 222 -10.58 -23.79 -16.44
CA ASP A 222 -10.97 -22.44 -16.79
C ASP A 222 -12.44 -22.21 -16.47
N ALA A 223 -12.78 -20.98 -16.13
CA ALA A 223 -14.16 -20.64 -15.80
C ALA A 223 -15.03 -20.65 -17.05
N VAL A 224 -16.33 -20.83 -16.84
CA VAL A 224 -17.31 -20.96 -17.91
C VAL A 224 -18.28 -19.79 -17.83
N THR A 225 -18.56 -19.19 -18.98
CA THR A 225 -19.46 -18.05 -19.07
C THR A 225 -20.89 -18.51 -19.38
N GLY A 226 -21.82 -17.55 -19.34
CA GLY A 226 -23.21 -17.87 -19.56
C GLY A 226 -23.54 -18.31 -20.96
N ARG A 227 -22.93 -17.68 -21.97
CA ARG A 227 -23.17 -18.04 -23.35
C ARG A 227 -22.73 -19.48 -23.66
N GLN A 228 -21.69 -19.96 -23.00
CA GLN A 228 -21.22 -21.33 -23.24
C GLN A 228 -22.21 -22.37 -22.73
N LEU A 229 -22.83 -22.13 -21.58
CA LEU A 229 -23.90 -23.01 -21.12
C LEU A 229 -25.17 -22.84 -21.94
N TYR A 230 -25.44 -21.63 -22.42
CA TYR A 230 -26.61 -21.40 -23.26
C TYR A 230 -26.52 -22.12 -24.60
N SER A 231 -25.34 -22.15 -25.21
CA SER A 231 -25.18 -22.76 -26.54
C SER A 231 -24.95 -24.27 -26.45
N GLY A 232 -23.90 -24.68 -25.75
CA GLY A 232 -23.57 -26.08 -25.62
C GLY A 232 -22.46 -26.60 -26.52
N ASN A 233 -21.63 -25.71 -27.07
CA ASN A 233 -20.57 -26.14 -27.97
C ASN A 233 -19.44 -26.82 -27.21
N GLY A 234 -18.86 -27.84 -27.83
CA GLY A 234 -17.66 -28.48 -27.31
C GLY A 234 -17.85 -29.51 -26.23
N ILE A 235 -19.07 -30.01 -26.04
CA ILE A 235 -19.32 -30.99 -24.98
C ILE A 235 -19.06 -32.39 -25.52
N ASP A 236 -18.88 -33.33 -24.60
CA ASP A 236 -18.69 -34.74 -24.95
C ASP A 236 -20.05 -35.37 -25.23
N THR A 237 -20.32 -35.69 -26.49
CA THR A 237 -21.63 -36.18 -26.87
C THR A 237 -21.93 -37.54 -26.24
N ALA A 238 -20.94 -38.43 -26.20
CA ALA A 238 -21.16 -39.78 -25.69
C ALA A 238 -21.52 -39.78 -24.20
N ALA A 239 -20.82 -38.97 -23.40
CA ALA A 239 -21.09 -38.91 -21.97
C ALA A 239 -22.48 -38.36 -21.68
N TRP A 240 -22.85 -37.27 -22.36
CA TRP A 240 -24.18 -36.71 -22.14
C TRP A 240 -25.26 -37.63 -22.67
N GLN A 241 -24.94 -38.44 -23.69
CA GLN A 241 -25.92 -39.36 -24.24
C GLN A 241 -26.14 -40.57 -23.35
N ASN A 242 -25.07 -41.07 -22.72
CA ASN A 242 -25.23 -42.22 -21.84
C ASN A 242 -25.51 -41.84 -20.39
N LYS A 243 -25.51 -40.54 -20.07
CA LYS A 243 -25.98 -40.11 -18.75
C LYS A 243 -27.49 -39.94 -18.74
N LEU A 244 -28.01 -39.10 -19.63
CA LEU A 244 -29.44 -39.02 -19.86
C LEU A 244 -29.79 -40.04 -20.93
N ASN A 245 -30.42 -41.14 -20.53
CA ASN A 245 -30.74 -42.22 -21.45
C ASN A 245 -31.58 -41.68 -22.60
N VAL A 246 -30.98 -41.64 -23.80
CA VAL A 246 -31.57 -40.97 -24.95
C VAL A 246 -31.62 -41.95 -26.12
N THR A 247 -32.75 -41.96 -26.81
CA THR A 247 -32.88 -42.74 -28.04
C THR A 247 -32.44 -41.88 -29.21
N ARG A 248 -31.34 -42.27 -29.85
CA ARG A 248 -30.75 -41.47 -30.92
C ARG A 248 -31.68 -41.47 -32.13
N LYS A 249 -31.85 -40.30 -32.74
CA LYS A 249 -32.85 -40.14 -33.78
C LYS A 249 -32.55 -41.01 -35.00
N ASN A 250 -31.27 -41.12 -35.37
CA ASN A 250 -30.91 -41.96 -36.50
C ASN A 250 -31.19 -43.43 -36.21
N ASP A 251 -31.25 -43.81 -34.95
CA ASP A 251 -31.60 -45.16 -34.53
C ASP A 251 -33.10 -45.37 -34.42
N TYR A 252 -33.90 -44.31 -34.60
CA TYR A 252 -35.34 -44.39 -34.43
C TYR A 252 -36.08 -44.51 -35.76
N LYS A 253 -35.47 -44.08 -36.87
CA LYS A 253 -36.11 -44.18 -38.18
C LYS A 253 -35.80 -45.51 -38.87
N ASP A 254 -35.07 -46.40 -38.19
CA ASP A 254 -34.76 -47.71 -38.75
C ASP A 254 -34.98 -48.86 -37.78
N ALA A 255 -35.56 -48.63 -36.61
CA ALA A 255 -35.92 -49.68 -35.66
C ALA A 255 -34.69 -50.50 -35.25
N ASN A 256 -33.75 -49.83 -34.60
CA ASN A 256 -32.56 -50.47 -34.06
C ASN A 256 -32.70 -50.64 -32.55
N ASP A 257 -32.23 -51.80 -32.07
CA ASP A 257 -32.30 -52.15 -30.65
C ASP A 257 -33.74 -52.15 -30.14
N ILE A 258 -34.60 -52.88 -30.83
CA ILE A 258 -36.02 -52.99 -30.47
C ILE A 258 -36.30 -54.45 -30.14
N ASP A 259 -36.92 -54.68 -28.99
CA ASP A 259 -37.35 -56.02 -28.61
C ASP A 259 -38.62 -56.34 -29.38
N VAL A 260 -38.53 -57.31 -30.30
CA VAL A 260 -39.63 -57.56 -31.24
C VAL A 260 -40.84 -58.14 -30.52
N ASN A 261 -40.61 -58.98 -29.51
CA ASN A 261 -41.71 -59.69 -28.87
C ASN A 261 -42.70 -58.74 -28.24
N LYS A 262 -42.22 -57.78 -27.43
CA LYS A 262 -43.11 -56.86 -26.75
C LYS A 262 -43.81 -55.91 -27.71
N TRP A 263 -43.14 -55.52 -28.80
CA TRP A 263 -43.78 -54.65 -29.78
C TRP A 263 -44.87 -55.40 -30.56
N LYS A 264 -44.65 -56.68 -30.86
CA LYS A 264 -45.70 -57.48 -31.48
C LYS A 264 -46.86 -57.72 -30.52
N ALA A 265 -46.57 -57.85 -29.22
CA ALA A 265 -47.63 -58.10 -28.25
C ALA A 265 -48.63 -56.95 -28.21
N LYS A 266 -48.14 -55.71 -28.20
CA LYS A 266 -49.05 -54.57 -28.10
C LYS A 266 -49.83 -54.34 -29.39
N LEU A 267 -49.16 -54.40 -30.53
CA LEU A 267 -49.81 -54.14 -31.81
C LEU A 267 -50.56 -55.37 -32.30
N LYS B 2 -7.45 15.06 42.02
CA LYS B 2 -6.91 13.76 41.66
C LYS B 2 -8.01 12.80 41.21
N LEU B 3 -7.74 12.02 40.18
CA LEU B 3 -8.73 11.11 39.62
C LEU B 3 -9.11 10.06 40.66
N THR B 4 -10.41 9.99 40.98
CA THR B 4 -10.89 9.06 42.00
C THR B 4 -12.09 8.29 41.48
N ILE B 5 -12.25 7.06 41.96
CA ILE B 5 -13.36 6.18 41.60
C ILE B 5 -14.15 5.89 42.87
N GLU B 6 -15.47 5.99 42.78
CA GLU B 6 -16.32 5.65 43.92
C GLU B 6 -17.44 4.72 43.47
N SER B 7 -17.89 3.88 44.39
CA SER B 7 -18.85 2.83 44.10
C SER B 7 -20.16 3.07 44.85
N THR B 8 -21.28 2.85 44.18
CA THR B 8 -22.59 2.97 44.80
C THR B 8 -23.45 1.75 44.47
N PRO B 9 -23.89 0.98 45.47
CA PRO B 9 -23.51 1.05 46.89
C PRO B 9 -22.21 0.28 47.16
N PHE B 10 -21.52 0.55 48.26
CA PHE B 10 -20.31 -0.21 48.58
C PHE B 10 -20.65 -1.66 48.88
N ASN B 11 -21.68 -1.89 49.69
CA ASN B 11 -22.20 -3.22 49.94
C ASN B 11 -23.39 -3.47 49.03
N VAL B 12 -23.30 -4.51 48.20
CA VAL B 12 -24.26 -4.76 47.14
C VAL B 12 -24.97 -6.07 47.42
N ALA B 13 -26.24 -6.14 47.03
CA ALA B 13 -27.02 -7.36 47.20
C ALA B 13 -26.63 -8.36 46.11
N GLU B 14 -27.31 -9.51 46.09
CA GLU B 14 -26.99 -10.58 45.17
C GLU B 14 -27.79 -10.51 43.88
N GLY B 15 -28.68 -9.52 43.74
CA GLY B 15 -29.45 -9.39 42.51
C GLY B 15 -29.68 -7.97 42.05
N LYS B 16 -29.05 -7.01 42.73
CA LYS B 16 -29.19 -5.60 42.38
C LYS B 16 -28.04 -5.19 41.45
N GLU B 17 -27.88 -3.88 41.25
CA GLU B 17 -26.87 -3.34 40.35
C GLU B 17 -25.88 -2.47 41.14
N VAL B 18 -24.74 -2.21 40.51
CA VAL B 18 -23.69 -1.38 41.09
C VAL B 18 -23.24 -0.36 40.05
N LEU B 19 -23.01 0.87 40.51
CA LEU B 19 -22.58 1.97 39.64
C LEU B 19 -21.23 2.48 40.12
N LEU B 20 -20.27 2.52 39.20
CA LEU B 20 -18.95 3.07 39.46
C LEU B 20 -18.84 4.43 38.79
N LEU B 21 -18.60 5.46 39.59
CA LEU B 21 -18.54 6.85 39.14
C LEU B 21 -17.14 7.41 39.34
N VAL B 22 -16.84 8.47 38.60
CA VAL B 22 -15.50 9.03 38.52
C VAL B 22 -15.56 10.50 38.93
N HIS B 23 -14.65 10.91 39.81
CA HIS B 23 -14.47 12.31 40.17
C HIS B 23 -13.09 12.80 39.72
N ASN B 24 -13.05 14.07 39.33
CA ASN B 24 -11.84 14.75 38.84
C ASN B 24 -11.39 14.18 37.49
N LEU B 25 -12.34 14.05 36.58
CA LEU B 25 -12.02 13.58 35.23
C LEU B 25 -11.24 14.66 34.49
N PRO B 26 -10.08 14.34 33.92
CA PRO B 26 -9.35 15.33 33.14
C PRO B 26 -10.10 15.73 31.89
N GLN B 27 -9.92 17.00 31.53
CA GLN B 27 -10.57 17.50 30.30
C GLN B 27 -9.65 17.20 29.10
N HIS B 28 -10.16 17.31 27.89
CA HIS B 28 -9.45 17.07 26.64
C HIS B 28 -8.91 15.63 26.59
N LEU B 29 -9.87 14.70 26.59
CA LEU B 29 -9.56 13.28 26.58
C LEU B 29 -9.52 12.73 25.15
N PHE B 30 -9.12 11.47 25.04
CA PHE B 30 -9.16 10.73 23.77
C PHE B 30 -9.95 9.44 23.89
N GLY B 31 -9.86 8.76 25.03
CA GLY B 31 -10.61 7.53 25.23
C GLY B 31 -10.32 7.00 26.61
N TYR B 32 -11.09 5.97 26.99
CA TYR B 32 -10.91 5.33 28.28
C TYR B 32 -11.44 3.90 28.20
N SER B 33 -10.96 3.07 29.12
CA SER B 33 -11.30 1.65 29.14
C SER B 33 -11.38 1.18 30.59
N TRP B 34 -12.03 0.03 30.78
CA TRP B 34 -12.25 -0.55 32.10
C TRP B 34 -11.61 -1.93 32.17
N TYR B 35 -10.96 -2.22 33.29
CA TYR B 35 -10.21 -3.46 33.47
C TYR B 35 -10.67 -4.17 34.73
N LYS B 36 -10.33 -5.46 34.80
CA LYS B 36 -10.60 -6.30 35.95
C LYS B 36 -9.27 -6.57 36.66
N GLY B 37 -9.12 -6.03 37.86
CA GLY B 37 -7.90 -6.20 38.62
C GLY B 37 -7.25 -4.91 39.05
N GLU B 38 -5.94 -4.95 39.31
CA GLU B 38 -5.19 -3.79 39.75
C GLU B 38 -4.07 -3.40 38.78
N ARG B 39 -4.15 -3.85 37.53
CA ARG B 39 -3.12 -3.55 36.56
C ARG B 39 -3.74 -3.50 35.17
N VAL B 40 -3.09 -2.74 34.29
CA VAL B 40 -3.57 -2.57 32.91
C VAL B 40 -3.11 -3.81 32.15
N ASP B 41 -3.96 -4.84 32.13
CA ASP B 41 -3.69 -6.10 31.46
C ASP B 41 -4.62 -6.25 30.27
N GLY B 42 -4.06 -6.66 29.13
CA GLY B 42 -4.87 -6.79 27.93
C GLY B 42 -5.92 -7.88 28.01
N ASN B 43 -5.61 -8.98 28.69
CA ASN B 43 -6.51 -10.12 28.73
C ASN B 43 -7.67 -9.93 29.70
N ARG B 44 -7.68 -8.84 30.47
CA ARG B 44 -8.69 -8.61 31.51
C ARG B 44 -9.36 -7.25 31.32
N GLN B 45 -9.71 -6.98 30.06
CA GLN B 45 -10.39 -5.71 29.69
C GLN B 45 -11.87 -5.98 29.44
N ILE B 46 -12.74 -5.11 29.95
CA ILE B 46 -14.18 -5.31 29.85
C ILE B 46 -14.76 -4.54 28.67
N ILE B 47 -14.66 -3.21 28.69
CA ILE B 47 -15.28 -2.36 27.68
C ILE B 47 -14.47 -1.09 27.54
N GLY B 48 -14.51 -0.50 26.35
CA GLY B 48 -13.78 0.72 26.07
C GLY B 48 -14.62 1.67 25.22
N TYR B 49 -14.27 2.95 25.31
CA TYR B 49 -15.01 4.00 24.63
C TYR B 49 -14.04 4.93 23.91
N VAL B 50 -14.44 5.36 22.72
CA VAL B 50 -13.69 6.31 21.90
C VAL B 50 -14.57 7.51 21.63
N ILE B 51 -14.04 8.71 21.92
CA ILE B 51 -14.84 9.92 21.89
C ILE B 51 -14.99 10.45 20.47
N GLY B 52 -13.91 10.44 19.68
CA GLY B 52 -13.91 11.06 18.38
C GLY B 52 -14.94 10.48 17.42
N THR B 53 -15.28 9.21 17.57
CA THR B 53 -16.29 8.58 16.73
C THR B 53 -17.51 8.10 17.51
N GLN B 54 -17.58 8.38 18.82
CA GLN B 54 -18.67 7.95 19.68
C GLN B 54 -18.86 6.42 19.61
N GLN B 55 -17.79 5.70 19.90
CA GLN B 55 -17.77 4.25 19.74
C GLN B 55 -17.60 3.56 21.08
N ALA B 56 -18.33 2.45 21.27
CA ALA B 56 -18.19 1.60 22.44
C ALA B 56 -17.91 0.18 21.98
N THR B 57 -16.85 -0.42 22.52
CA THR B 57 -16.47 -1.78 22.07
C THR B 57 -16.22 -2.65 23.26
N PRO B 58 -16.78 -3.87 23.32
CA PRO B 58 -16.51 -4.83 24.41
C PRO B 58 -15.10 -5.39 24.31
N GLY B 59 -14.68 -6.05 25.38
CA GLY B 59 -13.36 -6.62 25.46
C GLY B 59 -13.40 -8.12 25.71
N PRO B 60 -12.23 -8.71 25.94
CA PRO B 60 -12.17 -10.16 26.19
C PRO B 60 -13.00 -10.60 27.39
N ALA B 61 -13.06 -9.80 28.44
CA ALA B 61 -13.84 -10.11 29.65
C ALA B 61 -15.16 -9.35 29.56
N TYR B 62 -16.11 -9.91 28.82
CA TYR B 62 -17.42 -9.28 28.61
C TYR B 62 -18.49 -10.34 28.79
N SER B 63 -19.14 -10.35 29.95
CA SER B 63 -20.21 -11.31 30.21
C SER B 63 -21.56 -10.85 29.67
N GLY B 64 -21.66 -9.60 29.23
CA GLY B 64 -22.91 -9.07 28.71
C GLY B 64 -23.77 -8.32 29.69
N ARG B 65 -23.24 -7.95 30.86
CA ARG B 65 -24.01 -7.28 31.90
C ARG B 65 -23.47 -5.90 32.23
N GLU B 66 -22.61 -5.35 31.38
CA GLU B 66 -21.89 -4.12 31.69
C GLU B 66 -22.24 -3.03 30.68
N ILE B 67 -22.45 -1.82 31.19
CA ILE B 67 -22.83 -0.68 30.37
C ILE B 67 -21.89 0.48 30.69
N ILE B 68 -21.36 1.13 29.67
CA ILE B 68 -20.50 2.29 29.82
C ILE B 68 -21.33 3.55 29.59
N TYR B 69 -20.86 4.67 30.13
CA TYR B 69 -21.55 5.93 29.94
C TYR B 69 -20.58 7.00 29.46
N PRO B 70 -21.08 8.03 28.76
CA PRO B 70 -20.17 9.05 28.19
C PRO B 70 -19.39 9.85 29.21
N ASN B 71 -19.83 9.90 30.48
CA ASN B 71 -19.09 10.57 31.54
C ASN B 71 -18.10 9.63 32.23
N ALA B 72 -17.71 8.56 31.54
CA ALA B 72 -16.76 7.57 32.06
C ALA B 72 -17.25 6.95 33.35
N SER B 73 -18.42 6.31 33.28
CA SER B 73 -18.99 5.62 34.42
C SER B 73 -19.47 4.24 33.96
N LEU B 74 -19.48 3.30 34.90
CA LEU B 74 -19.76 1.90 34.60
C LEU B 74 -20.96 1.40 35.40
N LEU B 75 -21.78 0.59 34.76
CA LEU B 75 -22.95 -0.03 35.40
C LEU B 75 -22.85 -1.54 35.24
N ILE B 76 -22.94 -2.26 36.34
CA ILE B 76 -22.94 -3.73 36.34
C ILE B 76 -24.21 -4.21 37.01
N GLN B 77 -24.96 -5.06 36.31
CA GLN B 77 -26.24 -5.54 36.79
C GLN B 77 -26.25 -7.05 36.89
N ASN B 78 -27.14 -7.57 37.74
CA ASN B 78 -27.24 -9.00 38.05
C ASN B 78 -25.91 -9.52 38.61
N ILE B 79 -25.58 -9.00 39.79
CA ILE B 79 -24.31 -9.32 40.44
C ILE B 79 -24.33 -10.75 40.93
N ILE B 80 -23.27 -11.50 40.65
CA ILE B 80 -23.07 -12.82 41.23
C ILE B 80 -21.80 -12.79 42.08
N GLN B 81 -21.53 -13.89 42.77
CA GLN B 81 -20.55 -13.90 43.85
C GLN B 81 -19.11 -13.78 43.37
N ASN B 82 -18.84 -13.99 42.09
CA ASN B 82 -17.48 -13.93 41.56
C ASN B 82 -17.16 -12.57 40.95
N ASP B 83 -17.99 -11.55 41.18
CA ASP B 83 -17.77 -10.22 40.65
C ASP B 83 -17.27 -9.25 41.72
N THR B 84 -16.79 -9.76 42.85
CA THR B 84 -16.35 -8.93 43.96
C THR B 84 -14.84 -8.71 43.88
N GLY B 85 -14.41 -7.47 44.06
CA GLY B 85 -13.00 -7.17 44.09
C GLY B 85 -12.72 -5.77 43.56
N PHE B 86 -11.67 -5.68 42.75
CA PHE B 86 -11.11 -4.42 42.28
C PHE B 86 -11.39 -4.22 40.80
N TYR B 87 -11.53 -2.95 40.43
CA TYR B 87 -11.62 -2.54 39.03
C TYR B 87 -10.70 -1.36 38.79
N THR B 88 -10.15 -1.29 37.58
CA THR B 88 -9.15 -0.29 37.25
C THR B 88 -9.58 0.48 36.01
N LEU B 89 -9.42 1.80 36.06
CA LEU B 89 -9.79 2.69 34.97
C LEU B 89 -8.53 3.29 34.36
N HIS B 90 -8.43 3.20 33.03
CA HIS B 90 -7.33 3.74 32.25
C HIS B 90 -7.84 4.88 31.39
N VAL B 91 -7.17 6.03 31.48
CA VAL B 91 -7.59 7.25 30.80
C VAL B 91 -6.46 7.70 29.88
N ILE B 92 -6.81 8.04 28.64
CA ILE B 92 -5.86 8.53 27.64
C ILE B 92 -6.19 9.99 27.37
N LYS B 93 -5.19 10.86 27.51
CA LYS B 93 -5.38 12.28 27.25
C LYS B 93 -5.09 12.59 25.78
N SER B 94 -5.38 13.83 25.39
CA SER B 94 -5.21 14.20 23.96
C SER B 94 -3.73 14.20 23.59
N ASP B 95 -2.83 14.44 24.55
CA ASP B 95 -1.40 14.44 24.27
C ASP B 95 -0.78 13.05 24.43
N LEU B 96 -1.59 12.00 24.36
CA LEU B 96 -1.17 10.59 24.37
C LEU B 96 -0.57 10.16 25.70
N VAL B 97 -0.74 10.94 26.76
CA VAL B 97 -0.27 10.54 28.08
C VAL B 97 -1.39 9.82 28.81
N ASN B 98 -1.03 8.86 29.66
CA ASN B 98 -1.98 7.97 30.30
C ASN B 98 -2.09 8.25 31.80
N GLU B 99 -3.25 7.89 32.35
CA GLU B 99 -3.50 7.95 33.78
C GLU B 99 -4.31 6.74 34.19
N GLU B 100 -4.23 6.38 35.48
CA GLU B 100 -4.92 5.21 35.99
C GLU B 100 -5.57 5.52 37.34
N ALA B 101 -6.60 4.74 37.66
CA ALA B 101 -7.29 4.85 38.93
C ALA B 101 -7.86 3.49 39.30
N THR B 102 -8.16 3.31 40.58
CA THR B 102 -8.58 2.01 41.10
C THR B 102 -9.78 2.16 42.04
N GLY B 103 -10.70 1.20 41.98
CA GLY B 103 -11.84 1.15 42.87
C GLY B 103 -12.11 -0.27 43.32
N GLN B 104 -12.96 -0.39 44.35
CA GLN B 104 -13.13 -1.66 45.04
C GLN B 104 -14.57 -1.78 45.55
N PHE B 105 -15.09 -3.01 45.53
CA PHE B 105 -16.32 -3.31 46.25
C PHE B 105 -16.40 -4.81 46.51
N ARG B 106 -17.30 -5.17 47.43
CA ARG B 106 -17.49 -6.54 47.86
C ARG B 106 -18.96 -6.93 47.69
N VAL B 107 -19.20 -8.23 47.61
CA VAL B 107 -20.54 -8.80 47.43
C VAL B 107 -20.82 -9.73 48.59
N TYR B 108 -21.99 -9.59 49.20
CA TYR B 108 -22.39 -10.46 50.30
C TYR B 108 -23.72 -11.13 49.99
N PRO B 109 -23.93 -12.38 50.44
CA PRO B 109 -25.18 -13.09 50.23
C PRO B 109 -26.34 -12.48 51.02
N SER C 5 22.96 41.05 9.14
CA SER C 5 23.39 41.21 10.53
C SER C 5 24.18 40.00 11.00
N ALA C 6 24.99 40.19 12.04
CA ALA C 6 25.81 39.11 12.56
C ALA C 6 24.94 38.07 13.25
N PRO C 7 25.36 36.80 13.23
CA PRO C 7 24.60 35.76 13.94
C PRO C 7 24.55 36.01 15.44
N VAL C 8 23.46 35.59 16.06
CA VAL C 8 23.25 35.80 17.49
C VAL C 8 22.79 34.48 18.12
N PHE C 9 23.20 34.28 19.37
CA PHE C 9 22.90 33.06 20.13
C PHE C 9 22.50 33.51 21.53
N GLN C 10 21.19 33.58 21.80
CA GLN C 10 20.74 34.10 23.09
C GLN C 10 19.31 33.66 23.36
N ALA C 11 18.69 34.29 24.34
CA ALA C 11 17.31 34.01 24.71
C ALA C 11 16.35 34.92 23.95
N GLY C 12 15.15 34.43 23.73
CA GLY C 12 14.11 35.16 23.03
C GLY C 12 13.27 36.01 23.95
N THR C 13 12.09 36.37 23.47
CA THR C 13 11.15 37.18 24.24
C THR C 13 10.24 36.35 25.11
N GLY C 14 10.35 35.03 25.08
CA GLY C 14 9.55 34.17 25.92
C GLY C 14 10.35 33.55 27.04
N THR C 15 9.67 33.02 28.05
CA THR C 15 10.36 32.40 29.19
C THR C 15 11.00 31.10 28.75
N ASP C 16 12.28 30.94 29.08
CA ASP C 16 13.06 29.75 28.73
C ASP C 16 13.07 29.50 27.22
N SER C 17 13.22 30.57 26.45
CA SER C 17 13.26 30.50 24.99
C SER C 17 14.70 30.62 24.49
N THR C 18 14.91 30.20 23.25
CA THR C 18 16.25 30.20 22.66
C THR C 18 16.19 30.54 21.18
N VAL C 19 17.01 31.51 20.77
CA VAL C 19 17.23 31.85 19.37
C VAL C 19 18.70 31.62 19.06
N ALA C 20 18.97 30.90 17.97
CA ALA C 20 20.35 30.60 17.57
C ALA C 20 20.42 30.68 16.05
N GLY C 21 21.11 31.70 15.53
CA GLY C 21 21.21 31.86 14.09
C GLY C 21 21.10 33.30 13.64
N VAL C 22 20.39 33.53 12.54
CA VAL C 22 20.28 34.87 11.95
C VAL C 22 18.82 35.30 11.94
N ASN C 23 18.53 36.39 12.65
CA ASN C 23 17.20 37.01 12.66
C ASN C 23 16.10 36.02 13.03
N ASN C 24 16.25 35.39 14.18
CA ASN C 24 15.30 34.41 14.69
C ASN C 24 14.51 35.01 15.84
N GLU C 25 13.23 34.64 15.92
CA GLU C 25 12.36 35.10 17.00
C GLU C 25 11.60 33.92 17.57
N ALA C 26 11.58 33.82 18.90
CA ALA C 26 10.88 32.76 19.62
C ALA C 26 10.00 33.43 20.67
N ASN C 27 8.72 33.61 20.36
CA ASN C 27 7.80 34.34 21.22
C ASN C 27 7.05 33.45 22.20
N GLY C 28 7.24 32.14 22.15
CA GLY C 28 6.50 31.22 22.99
C GLY C 28 7.28 30.78 24.21
N GLU C 29 6.58 30.05 25.07
CA GLU C 29 7.17 29.50 26.28
C GLU C 29 7.92 28.22 25.95
N LYS C 30 9.20 28.16 26.31
CA LYS C 30 10.06 27.00 26.05
C LYS C 30 10.10 26.66 24.56
N SER C 31 10.23 27.68 23.73
CA SER C 31 10.28 27.52 22.29
C SER C 31 11.70 27.72 21.78
N SER C 32 11.98 27.13 20.61
CA SER C 32 13.33 27.13 20.06
C SER C 32 13.30 27.47 18.58
N ALA C 33 14.15 28.43 18.18
CA ALA C 33 14.31 28.83 16.79
C ALA C 33 15.77 28.71 16.40
N PHE C 34 16.09 27.77 15.51
CA PHE C 34 17.46 27.49 15.11
C PHE C 34 17.59 27.59 13.61
N GLY C 35 18.52 28.44 13.15
CA GLY C 35 18.81 28.54 11.73
C GLY C 35 18.73 29.94 11.14
N TYR C 36 18.02 30.08 10.02
CA TYR C 36 17.90 31.36 9.33
C TYR C 36 16.45 31.80 9.31
N GLU C 37 16.15 32.88 10.03
CA GLU C 37 14.85 33.54 10.02
C GLU C 37 13.70 32.57 10.26
N ASN C 38 13.73 31.96 11.44
CA ASN C 38 12.69 31.03 11.86
C ASN C 38 11.80 31.69 12.90
N LYS C 39 10.54 31.23 12.96
CA LYS C 39 9.54 31.80 13.86
C LYS C 39 8.86 30.69 14.63
N ALA C 40 8.99 30.72 15.96
CA ALA C 40 8.27 29.83 16.86
C ALA C 40 7.39 30.69 17.75
N LYS C 41 6.07 30.62 17.52
CA LYS C 41 5.14 31.57 18.12
C LYS C 41 4.30 31.00 19.25
N GLU C 42 4.35 29.70 19.50
CA GLU C 42 3.47 29.11 20.52
C GLU C 42 4.25 28.36 21.58
N LYS C 43 3.53 27.66 22.45
CA LYS C 43 4.12 26.94 23.56
C LYS C 43 4.73 25.63 23.09
N LEU C 44 5.98 25.39 23.48
CA LEU C 44 6.71 24.16 23.13
C LEU C 44 6.77 23.94 21.62
N SER C 45 7.16 24.97 20.89
CA SER C 45 7.24 24.93 19.44
C SER C 45 8.69 24.96 18.99
N SER C 46 9.00 24.21 17.93
CA SER C 46 10.36 24.06 17.43
C SER C 46 10.41 24.37 15.95
N ALA C 47 11.31 25.28 15.56
CA ALA C 47 11.51 25.66 14.17
C ALA C 47 12.99 25.52 13.83
N PHE C 48 13.33 24.53 13.01
CA PHE C 48 14.71 24.23 12.68
C PHE C 48 14.92 24.29 11.17
N GLY C 49 15.86 25.13 10.73
CA GLY C 49 16.25 25.16 9.33
C GLY C 49 16.21 26.53 8.67
N TYR C 50 15.52 26.61 7.53
CA TYR C 50 15.46 27.83 6.73
C TYR C 50 14.01 28.28 6.60
N LYS C 51 13.68 29.39 7.27
CA LYS C 51 12.39 30.06 7.14
C LYS C 51 11.22 29.12 7.46
N ASN C 52 11.20 28.66 8.70
CA ASN C 52 10.15 27.77 9.18
C ASN C 52 9.26 28.50 10.17
N ILE C 53 7.97 28.21 10.10
CA ILE C 53 6.97 28.80 10.98
C ILE C 53 6.27 27.68 11.75
N ALA C 54 6.29 27.76 13.07
CA ALA C 54 5.57 26.84 13.94
C ALA C 54 4.54 27.65 14.70
N ASN C 55 3.28 27.58 14.27
CA ASN C 55 2.21 28.43 14.78
C ASN C 55 1.20 27.67 15.63
N GLY C 56 1.55 26.45 16.05
CA GLY C 56 0.65 25.66 16.87
C GLY C 56 1.34 25.17 18.13
N ILE C 57 0.51 24.79 19.10
CA ILE C 57 1.04 24.27 20.36
C ILE C 57 1.64 22.89 20.12
N GLU C 58 2.90 22.73 20.49
CA GLU C 58 3.64 21.48 20.29
C GLU C 58 3.66 21.08 18.81
N GLY C 59 4.00 22.04 17.95
CA GLY C 59 4.16 21.80 16.53
C GLY C 59 5.62 21.89 16.14
N SER C 60 6.02 21.09 15.15
CA SER C 60 7.41 21.00 14.75
C SER C 60 7.54 21.27 13.25
N ALA C 61 8.45 22.19 12.91
CA ALA C 61 8.76 22.49 11.51
C ALA C 61 10.25 22.25 11.31
N PHE C 62 10.57 21.29 10.44
CA PHE C 62 11.96 20.88 10.24
C PHE C 62 12.28 20.85 8.75
N GLY C 63 13.26 21.67 8.34
CA GLY C 63 13.70 21.66 6.96
C GLY C 63 13.72 23.02 6.30
N ILE C 64 13.07 23.12 5.13
CA ILE C 64 13.10 24.34 4.33
C ILE C 64 11.66 24.78 4.05
N SER C 65 11.29 25.94 4.59
CA SER C 65 10.01 26.59 4.32
C SER C 65 8.82 25.68 4.63
N ASN C 66 8.71 25.31 5.90
CA ASN C 66 7.65 24.44 6.37
C ASN C 66 6.70 25.19 7.28
N LEU C 67 5.43 24.77 7.26
CA LEU C 67 4.39 25.38 8.08
C LEU C 67 3.71 24.29 8.90
N ALA C 68 3.58 24.53 10.20
CA ALA C 68 2.90 23.61 11.12
C ALA C 68 1.94 24.45 11.97
N LYS C 69 0.65 24.42 11.60
CA LYS C 69 -0.35 25.27 12.24
C LYS C 69 -1.21 24.53 13.25
N GLY C 70 -1.40 23.22 13.10
CA GLY C 70 -2.26 22.47 13.97
C GLY C 70 -1.56 22.03 15.26
N GLN C 71 -2.38 21.55 16.19
CA GLN C 71 -1.87 21.06 17.47
C GLN C 71 -1.27 19.67 17.27
N TYR C 72 -0.08 19.45 17.83
CA TYR C 72 0.66 18.20 17.65
C TYR C 72 0.86 17.88 16.17
N SER C 73 1.26 18.89 15.40
CA SER C 73 1.43 18.77 13.96
C SER C 73 2.91 18.67 13.62
N SER C 74 3.21 18.05 12.49
CA SER C 74 4.59 17.80 12.06
C SER C 74 4.74 18.08 10.58
N ALA C 75 5.66 18.98 10.24
CA ALA C 75 6.02 19.26 8.85
C ALA C 75 7.51 19.00 8.68
N PHE C 76 7.84 18.03 7.83
CA PHE C 76 9.23 17.59 7.67
C PHE C 76 9.59 17.54 6.19
N GLY C 77 10.59 18.36 5.80
CA GLY C 77 11.11 18.30 4.46
C GLY C 77 11.18 19.62 3.71
N PHE C 78 10.50 19.68 2.56
CA PHE C 78 10.55 20.85 1.68
C PHE C 78 9.13 21.29 1.37
N ARG C 79 8.73 22.43 1.95
CA ARG C 79 7.46 23.11 1.65
C ARG C 79 6.27 22.20 1.91
N ASN C 80 6.11 21.85 3.18
CA ASN C 80 5.01 21.01 3.64
C ASN C 80 4.13 21.79 4.60
N VAL C 81 2.83 21.52 4.55
CA VAL C 81 1.84 22.22 5.36
C VAL C 81 1.04 21.20 6.15
N ALA C 82 1.00 21.36 7.47
CA ALA C 82 0.14 20.58 8.35
C ALA C 82 -0.78 21.54 9.10
N ASN C 83 -2.08 21.29 9.03
CA ASN C 83 -3.07 22.25 9.49
C ASN C 83 -3.95 21.78 10.63
N LYS C 84 -4.19 20.49 10.79
CA LYS C 84 -5.13 19.99 11.77
C LYS C 84 -4.38 19.27 12.90
N ARG C 85 -5.15 18.72 13.84
CA ARG C 85 -4.59 18.04 15.00
C ARG C 85 -4.09 16.66 14.61
N HIS C 86 -2.87 16.33 15.05
CA HIS C 86 -2.25 15.04 14.79
C HIS C 86 -2.14 14.76 13.28
N SER C 87 -1.77 15.78 12.52
CA SER C 87 -1.56 15.66 11.09
C SER C 87 -0.06 15.63 10.77
N SER C 88 0.29 14.93 9.71
CA SER C 88 1.69 14.70 9.36
C SER C 88 1.92 14.92 7.87
N ALA C 89 2.89 15.77 7.56
CA ALA C 89 3.30 16.01 6.17
C ALA C 89 4.79 15.70 6.05
N PHE C 90 5.12 14.70 5.23
CA PHE C 90 6.51 14.26 5.10
C PHE C 90 6.89 14.21 3.63
N GLY C 91 7.93 14.97 3.27
CA GLY C 91 8.43 14.93 1.90
C GLY C 91 8.47 16.29 1.22
N SER C 92 7.94 16.36 0.00
CA SER C 92 7.99 17.56 -0.81
C SER C 92 6.59 17.97 -1.22
N GLY C 93 6.18 19.18 -0.85
CA GLY C 93 4.93 19.76 -1.30
C GLY C 93 3.66 19.07 -0.81
N ASN C 94 3.64 18.60 0.43
CA ASN C 94 2.50 17.88 0.97
C ASN C 94 1.65 18.79 1.85
N GLU C 95 0.33 18.64 1.75
CA GLU C 95 -0.61 19.37 2.57
C GLU C 95 -1.54 18.38 3.26
N ALA C 96 -1.72 18.56 4.57
CA ALA C 96 -2.60 17.71 5.37
C ALA C 96 -3.62 18.59 6.08
N ASN C 97 -4.87 18.57 5.59
CA ASN C 97 -5.94 19.39 6.12
C ASN C 97 -7.03 18.54 6.78
N GLY C 98 -6.67 17.38 7.28
CA GLY C 98 -7.61 16.52 7.97
C GLY C 98 -7.05 16.06 9.29
N GLU C 99 -7.96 15.86 10.25
CA GLU C 99 -7.56 15.41 11.57
C GLU C 99 -7.08 13.97 11.51
N GLN C 100 -5.89 13.72 12.07
CA GLN C 100 -5.26 12.40 12.07
C GLN C 100 -5.10 11.87 10.64
N SER C 101 -4.57 12.71 9.76
CA SER C 101 -4.35 12.37 8.36
C SER C 101 -2.86 12.39 8.05
N SER C 102 -2.47 11.67 7.01
CA SER C 102 -1.06 11.51 6.68
C SER C 102 -0.83 11.71 5.19
N ALA C 103 0.13 12.58 4.86
CA ALA C 103 0.55 12.79 3.48
C ALA C 103 2.04 12.49 3.37
N PHE C 104 2.44 11.53 2.53
CA PHE C 104 3.86 11.11 2.46
C PHE C 104 4.27 10.90 0.97
N GLY C 105 5.31 11.58 0.49
CA GLY C 105 5.82 11.46 -0.89
C GLY C 105 5.95 12.79 -1.63
N PHE C 106 5.36 12.94 -2.84
CA PHE C 106 5.45 14.19 -3.65
C PHE C 106 4.07 14.78 -3.96
N LYS C 107 3.84 16.05 -3.63
CA LYS C 107 2.60 16.81 -3.92
C LYS C 107 1.32 16.01 -3.65
N ASN C 108 1.09 15.65 -2.41
CA ASN C 108 -0.17 14.95 -2.05
C ASN C 108 -1.00 15.87 -1.15
N THR C 109 -2.31 15.76 -1.18
CA THR C 109 -3.26 16.51 -0.38
C THR C 109 -4.29 15.57 0.21
N VAL C 110 -4.50 15.67 1.52
CA VAL C 110 -5.50 14.89 2.24
C VAL C 110 -6.35 15.85 3.05
N SER C 111 -7.68 15.72 2.93
CA SER C 111 -8.61 16.57 3.64
C SER C 111 -9.73 15.78 4.31
N GLY C 112 -9.48 14.52 4.65
CA GLY C 112 -10.49 13.69 5.28
C GLY C 112 -10.12 13.22 6.66
N PHE C 113 -11.10 12.71 7.40
CA PHE C 113 -10.88 12.19 8.75
C PHE C 113 -10.28 10.79 8.66
N ASN C 114 -9.08 10.62 9.21
CA ASN C 114 -8.37 9.34 9.21
C ASN C 114 -8.18 8.82 7.79
N SER C 115 -7.45 9.58 6.97
CA SER C 115 -7.16 9.22 5.60
C SER C 115 -5.66 9.28 5.34
N SER C 116 -5.21 8.50 4.36
CA SER C 116 -3.79 8.36 4.08
C SER C 116 -3.51 8.45 2.59
N ALA C 117 -2.46 9.18 2.23
CA ALA C 117 -2.01 9.27 0.84
C ALA C 117 -0.52 9.01 0.78
N PHE C 118 -0.12 8.06 -0.07
CA PHE C 118 1.29 7.73 -0.28
C PHE C 118 1.59 7.78 -1.77
N GLY C 119 2.61 8.57 -2.14
CA GLY C 119 3.06 8.57 -3.52
C GLY C 119 3.12 9.94 -4.16
N SER C 120 2.58 10.05 -5.39
CA SER C 120 2.70 11.24 -6.19
C SER C 120 1.31 11.73 -6.61
N GLN C 121 0.99 12.96 -6.20
CA GLN C 121 -0.12 13.77 -6.71
C GLN C 121 -1.44 12.99 -6.81
N TYR C 122 -1.91 12.54 -5.65
CA TYR C 122 -3.31 12.23 -5.37
C TYR C 122 -3.93 13.20 -4.38
N GLU C 123 -5.25 13.28 -4.44
CA GLU C 123 -6.07 14.00 -3.48
C GLU C 123 -7.12 13.04 -2.92
N VAL C 124 -7.25 13.01 -1.59
CA VAL C 124 -8.24 12.18 -0.93
C VAL C 124 -9.13 13.12 -0.10
N THR C 125 -10.41 13.19 -0.47
CA THR C 125 -11.36 14.05 0.22
C THR C 125 -12.41 13.26 1.00
N GLY C 126 -12.41 11.94 0.90
CA GLY C 126 -13.35 11.12 1.62
C GLY C 126 -12.84 10.74 3.01
N ASN C 127 -13.76 10.21 3.81
CA ASN C 127 -13.46 9.79 5.18
C ASN C 127 -13.11 8.32 5.21
N PHE C 128 -12.08 7.97 5.99
CA PHE C 128 -11.61 6.59 6.15
C PHE C 128 -11.25 5.97 4.80
N SER C 129 -10.56 6.74 3.97
CA SER C 129 -10.16 6.32 2.64
C SER C 129 -8.65 6.30 2.52
N GLY C 130 -8.17 5.79 1.38
CA GLY C 130 -6.73 5.66 1.18
C GLY C 130 -6.29 5.59 -0.27
N ALA C 131 -5.14 6.21 -0.55
CA ALA C 131 -4.63 6.29 -1.92
C ALA C 131 -3.16 5.90 -1.94
N PHE C 132 -2.81 5.00 -2.87
CA PHE C 132 -1.42 4.56 -3.05
C PHE C 132 -1.08 4.63 -4.53
N GLY C 133 -0.23 5.58 -4.92
CA GLY C 133 0.16 5.64 -6.31
C GLY C 133 0.31 7.01 -6.92
N MET C 134 -0.07 7.16 -8.19
CA MET C 134 0.24 8.35 -8.98
C MET C 134 -0.99 8.91 -9.68
N GLY C 135 -1.10 10.24 -9.66
CA GLY C 135 -2.15 10.95 -10.40
C GLY C 135 -1.60 12.05 -11.28
N GLU C 136 -2.16 13.25 -11.15
CA GLU C 136 -1.73 14.38 -11.98
C GLU C 136 -2.11 15.69 -11.31
N PHE C 137 -1.23 16.69 -11.45
CA PHE C 137 -1.47 18.03 -10.92
C PHE C 137 -0.97 19.06 -11.93
N ASN C 138 -1.85 19.98 -12.31
CA ASN C 138 -1.47 21.09 -13.18
C ASN C 138 -2.08 22.42 -12.72
N GLY C 139 -2.20 22.63 -11.42
CA GLY C 139 -2.95 23.75 -10.86
C GLY C 139 -4.20 23.30 -10.13
N GLN C 140 -4.84 22.25 -10.62
CA GLN C 140 -5.94 21.58 -9.92
C GLN C 140 -5.72 20.07 -10.03
N TYR C 141 -6.27 19.35 -9.07
CA TYR C 141 -6.14 17.89 -9.06
C TYR C 141 -7.18 17.28 -10.01
N GLN C 142 -6.71 16.41 -10.91
CA GLN C 142 -7.58 15.81 -11.91
C GLN C 142 -8.12 14.45 -11.50
N TYR C 143 -7.57 13.83 -10.46
CA TYR C 143 -8.02 12.52 -10.00
C TYR C 143 -8.11 12.55 -8.49
N LYS C 144 -9.31 12.36 -7.95
CA LYS C 144 -9.55 12.43 -6.52
C LYS C 144 -10.29 11.20 -6.04
N ASN C 145 -10.16 10.92 -4.75
CA ASN C 145 -10.91 9.86 -4.06
C ASN C 145 -11.95 10.55 -3.18
N GLU C 146 -13.17 10.68 -3.70
CA GLU C 146 -14.24 11.40 -3.02
C GLU C 146 -15.20 10.48 -2.29
N GLY C 147 -14.89 9.18 -2.21
CA GLY C 147 -15.77 8.23 -1.56
C GLY C 147 -15.30 7.87 -0.17
N ASN C 148 -16.25 7.44 0.66
CA ASN C 148 -15.96 7.05 2.04
C ASN C 148 -15.71 5.54 2.11
N ASN C 149 -14.74 5.16 2.95
CA ASN C 149 -14.38 3.77 3.16
C ASN C 149 -13.99 3.07 1.86
N SER C 150 -13.24 3.79 1.03
CA SER C 150 -12.81 3.29 -0.27
C SER C 150 -11.29 3.42 -0.39
N TYR C 151 -10.68 2.49 -1.13
CA TYR C 151 -9.23 2.47 -1.28
C TYR C 151 -8.85 2.27 -2.74
N MET C 152 -7.81 2.98 -3.19
CA MET C 152 -7.36 2.82 -4.57
C MET C 152 -5.84 2.75 -4.65
N ILE C 153 -5.37 1.84 -5.52
CA ILE C 153 -3.95 1.57 -5.72
C ILE C 153 -3.66 1.58 -7.22
N GLY C 154 -2.84 2.53 -7.66
CA GLY C 154 -2.39 2.52 -9.04
C GLY C 154 -2.23 3.93 -9.58
N ASN C 155 -2.60 4.07 -10.86
CA ASN C 155 -2.42 5.31 -11.61
C ASN C 155 -3.75 5.75 -12.20
N LYS C 156 -4.10 7.02 -11.98
CA LYS C 156 -5.20 7.71 -12.66
C LYS C 156 -6.54 6.99 -12.42
N ASN C 157 -6.93 6.96 -11.15
CA ASN C 157 -8.19 6.37 -10.73
C ASN C 157 -9.08 7.44 -10.12
N LYS C 158 -10.39 7.27 -10.28
CA LYS C 158 -11.36 8.23 -9.77
C LYS C 158 -12.51 7.51 -9.08
N ILE C 159 -12.95 8.07 -7.95
CA ILE C 159 -14.16 7.65 -7.26
C ILE C 159 -14.98 8.89 -6.98
N ALA C 160 -16.25 8.87 -7.38
CA ALA C 160 -17.09 10.05 -7.29
C ALA C 160 -17.66 10.21 -5.88
N SER C 161 -18.41 11.30 -5.68
CA SER C 161 -19.06 11.57 -4.41
C SER C 161 -20.39 10.85 -4.34
N GLY C 162 -20.61 10.12 -3.25
CA GLY C 162 -21.77 9.29 -3.09
C GLY C 162 -21.53 7.82 -3.36
N SER C 163 -20.39 7.48 -3.94
CA SER C 163 -20.01 6.09 -4.20
C SER C 163 -19.10 5.65 -3.06
N ASN C 164 -19.60 4.75 -2.22
CA ASN C 164 -18.91 4.35 -1.00
C ASN C 164 -18.61 2.87 -1.01
N ASP C 165 -17.61 2.48 -0.21
CA ASP C 165 -17.20 1.07 -0.05
C ASP C 165 -16.77 0.46 -1.38
N ASN C 166 -15.72 1.04 -1.95
CA ASN C 166 -15.18 0.60 -3.23
C ASN C 166 -13.67 0.42 -3.15
N PHE C 167 -13.18 -0.56 -3.90
CA PHE C 167 -11.76 -0.91 -3.90
C PHE C 167 -11.27 -1.03 -5.33
N ILE C 168 -10.17 -0.34 -5.65
CA ILE C 168 -9.60 -0.35 -6.98
C ILE C 168 -8.13 -0.75 -6.89
N LEU C 169 -7.74 -1.73 -7.71
CA LEU C 169 -6.35 -2.17 -7.85
C LEU C 169 -6.06 -2.17 -9.36
N GLY C 170 -5.61 -1.05 -9.89
CA GLY C 170 -5.39 -1.01 -11.33
C GLY C 170 -5.19 0.40 -11.84
N ASN C 171 -5.32 0.53 -13.16
CA ASN C 171 -5.04 1.77 -13.86
C ASN C 171 -6.25 2.21 -14.67
N ASN C 172 -6.49 3.53 -14.69
CA ASN C 172 -7.51 4.13 -15.54
C ASN C 172 -8.89 3.55 -15.30
N VAL C 173 -9.31 3.55 -14.03
CA VAL C 173 -10.64 3.09 -13.63
C VAL C 173 -11.41 4.26 -13.05
N HIS C 174 -12.55 4.57 -13.65
CA HIS C 174 -13.40 5.67 -13.21
C HIS C 174 -14.73 5.10 -12.76
N ILE C 175 -15.12 5.40 -11.53
CA ILE C 175 -16.37 4.92 -10.96
C ILE C 175 -17.33 6.10 -10.86
N GLY C 176 -18.52 5.95 -11.42
CA GLY C 176 -19.51 7.00 -11.41
C GLY C 176 -20.32 7.00 -10.14
N GLY C 177 -21.34 7.87 -10.12
CA GLY C 177 -22.18 8.03 -8.96
C GLY C 177 -23.26 6.96 -8.91
N GLY C 178 -23.58 6.52 -7.69
CA GLY C 178 -24.60 5.52 -7.47
C GLY C 178 -24.12 4.10 -7.40
N ILE C 179 -22.81 3.87 -7.33
CA ILE C 179 -22.23 2.53 -7.30
C ILE C 179 -21.62 2.29 -5.93
N ASN C 180 -22.05 1.22 -5.27
CA ASN C 180 -21.56 0.85 -3.95
C ASN C 180 -21.24 -0.64 -3.90
N ASN C 181 -20.28 -1.00 -3.05
CA ASN C 181 -19.91 -2.39 -2.79
C ASN C 181 -19.44 -3.08 -4.08
N SER C 182 -18.38 -2.55 -4.67
CA SER C 182 -17.86 -3.08 -5.92
C SER C 182 -16.34 -3.19 -5.84
N VAL C 183 -15.80 -4.13 -6.62
CA VAL C 183 -14.37 -4.37 -6.73
C VAL C 183 -13.99 -4.38 -8.20
N ALA C 184 -12.88 -3.72 -8.53
CA ALA C 184 -12.37 -3.67 -9.89
C ALA C 184 -10.93 -4.17 -9.90
N LEU C 185 -10.61 -5.00 -10.89
CA LEU C 185 -9.28 -5.59 -11.02
C LEU C 185 -8.78 -5.45 -12.45
N GLY C 186 -7.53 -5.08 -12.60
CA GLY C 186 -6.87 -5.06 -13.89
C GLY C 186 -6.77 -3.66 -14.47
N ASN C 187 -6.01 -3.57 -15.56
CA ASN C 187 -5.82 -2.32 -16.27
C ASN C 187 -6.96 -2.10 -17.26
N ASN C 188 -7.47 -0.87 -17.30
CA ASN C 188 -8.56 -0.46 -18.17
C ASN C 188 -9.80 -1.32 -17.94
N SER C 189 -10.30 -1.27 -16.71
CA SER C 189 -11.49 -2.00 -16.30
C SER C 189 -12.63 -1.02 -16.02
N THR C 190 -13.85 -1.51 -16.14
CA THR C 190 -15.05 -0.70 -15.98
C THR C 190 -15.99 -1.32 -14.96
N VAL C 191 -16.61 -0.47 -14.14
CA VAL C 191 -17.63 -0.87 -13.20
C VAL C 191 -18.88 -0.05 -13.50
N SER C 192 -20.01 -0.73 -13.68
CA SER C 192 -21.26 -0.07 -14.05
C SER C 192 -22.45 -0.52 -13.20
N ALA C 193 -22.21 -1.29 -12.13
CA ALA C 193 -23.30 -1.75 -11.30
C ALA C 193 -22.79 -1.99 -9.89
N SER C 194 -23.72 -2.06 -8.94
CA SER C 194 -23.40 -2.31 -7.55
C SER C 194 -23.37 -3.80 -7.26
N ASN C 195 -22.59 -4.18 -6.25
CA ASN C 195 -22.45 -5.57 -5.82
C ASN C 195 -21.91 -6.45 -6.95
N THR C 196 -20.79 -6.03 -7.53
CA THR C 196 -20.21 -6.71 -8.67
C THR C 196 -18.69 -6.74 -8.55
N VAL C 197 -18.09 -7.70 -9.25
CA VAL C 197 -16.64 -7.80 -9.39
C VAL C 197 -16.32 -7.86 -10.88
N SER C 198 -15.50 -6.93 -11.35
CA SER C 198 -15.19 -6.82 -12.77
C SER C 198 -13.73 -7.17 -13.03
N VAL C 199 -13.49 -7.89 -14.13
CA VAL C 199 -12.14 -8.29 -14.51
C VAL C 199 -11.86 -7.85 -15.94
N GLY C 200 -12.53 -6.81 -16.40
CA GLY C 200 -12.32 -6.33 -17.75
C GLY C 200 -13.31 -5.24 -18.11
N SER C 201 -13.48 -5.05 -19.42
CA SER C 201 -14.38 -4.04 -19.95
C SER C 201 -15.15 -4.64 -21.12
N SER C 202 -15.89 -3.79 -21.83
CA SER C 202 -16.70 -4.25 -22.96
C SER C 202 -15.90 -4.40 -24.25
N THR C 203 -14.65 -3.94 -24.28
CA THR C 203 -13.79 -4.09 -25.44
C THR C 203 -12.72 -5.15 -25.27
N LEU C 204 -12.25 -5.38 -24.05
CA LEU C 204 -11.29 -6.44 -23.75
C LEU C 204 -11.77 -7.21 -22.53
N LYS C 205 -11.76 -8.53 -22.64
CA LYS C 205 -12.21 -9.41 -21.57
C LYS C 205 -11.11 -10.38 -21.22
N ARG C 206 -11.06 -10.75 -19.94
CA ARG C 206 -9.98 -11.55 -19.38
C ARG C 206 -10.48 -12.93 -18.97
N LYS C 207 -9.63 -13.93 -19.16
CA LYS C 207 -9.93 -15.28 -18.72
C LYS C 207 -9.42 -15.52 -17.31
N ILE C 208 -10.10 -16.39 -16.58
CA ILE C 208 -9.70 -16.80 -15.24
C ILE C 208 -9.19 -18.22 -15.31
N VAL C 209 -7.97 -18.45 -14.82
CA VAL C 209 -7.29 -19.73 -14.98
C VAL C 209 -6.91 -20.28 -13.61
N ASN C 210 -6.62 -21.59 -13.59
CA ASN C 210 -6.17 -22.29 -12.39
C ASN C 210 -7.25 -22.25 -11.29
N VAL C 211 -8.43 -22.74 -11.66
CA VAL C 211 -9.60 -22.75 -10.77
C VAL C 211 -9.94 -24.18 -10.41
N GLY C 212 -10.18 -24.43 -9.12
CA GLY C 212 -10.57 -25.75 -8.68
C GLY C 212 -12.03 -26.06 -8.99
N ASP C 213 -12.39 -27.31 -8.77
CA ASP C 213 -13.73 -27.79 -9.09
C ASP C 213 -14.71 -27.43 -7.98
N GLY C 214 -15.85 -26.87 -8.36
CA GLY C 214 -16.90 -26.56 -7.41
C GLY C 214 -17.91 -27.68 -7.26
N ALA C 215 -18.72 -27.58 -6.22
CA ALA C 215 -19.73 -28.57 -5.94
C ALA C 215 -20.93 -28.39 -6.86
N ILE C 216 -21.45 -29.51 -7.37
CA ILE C 216 -22.61 -29.50 -8.25
C ILE C 216 -23.78 -30.02 -7.42
N SER C 217 -24.52 -29.10 -6.79
CA SER C 217 -25.65 -29.42 -5.96
C SER C 217 -26.68 -28.30 -6.09
N ALA C 218 -27.80 -28.45 -5.38
CA ALA C 218 -28.87 -27.46 -5.48
C ALA C 218 -28.45 -26.13 -4.88
N ASN C 219 -27.93 -26.14 -3.65
CA ASN C 219 -27.46 -24.93 -3.00
C ASN C 219 -25.94 -24.89 -3.06
N SER C 220 -25.42 -24.53 -4.23
CA SER C 220 -23.98 -24.46 -4.46
C SER C 220 -23.64 -23.17 -5.18
N SER C 221 -23.04 -22.23 -4.47
CA SER C 221 -22.60 -20.96 -5.04
C SER C 221 -21.09 -20.99 -5.34
N ASP C 222 -20.69 -21.95 -6.18
CA ASP C 222 -19.30 -22.12 -6.56
C ASP C 222 -19.17 -22.06 -8.08
N ALA C 223 -18.01 -21.58 -8.53
CA ALA C 223 -17.76 -21.47 -9.96
C ALA C 223 -17.55 -22.85 -10.59
N VAL C 224 -17.81 -22.92 -11.90
CA VAL C 224 -17.76 -24.17 -12.66
C VAL C 224 -16.63 -24.07 -13.67
N THR C 225 -15.84 -25.14 -13.76
CA THR C 225 -14.72 -25.21 -14.69
C THR C 225 -15.14 -25.86 -16.00
N GLY C 226 -14.22 -25.83 -16.97
CA GLY C 226 -14.52 -26.36 -18.29
C GLY C 226 -14.71 -27.86 -18.32
N ARG C 227 -13.90 -28.60 -17.57
CA ARG C 227 -14.03 -30.05 -17.54
C ARG C 227 -15.37 -30.51 -16.99
N GLN C 228 -15.96 -29.75 -16.05
CA GLN C 228 -17.24 -30.12 -15.49
C GLN C 228 -18.37 -30.00 -16.50
N LEU C 229 -18.35 -28.96 -17.33
CA LEU C 229 -19.32 -28.88 -18.42
C LEU C 229 -19.02 -29.88 -19.52
N TYR C 230 -17.74 -30.20 -19.75
CA TYR C 230 -17.39 -31.19 -20.77
C TYR C 230 -17.87 -32.58 -20.39
N SER C 231 -17.78 -32.97 -19.12
CA SER C 231 -18.13 -34.31 -18.69
C SER C 231 -19.62 -34.45 -18.40
N GLY C 232 -20.14 -33.64 -17.48
CA GLY C 232 -21.55 -33.68 -17.12
C GLY C 232 -21.87 -34.43 -15.84
N ASN C 233 -20.90 -34.65 -14.96
CA ASN C 233 -21.14 -35.40 -13.74
C ASN C 233 -21.93 -34.56 -12.72
N GLY C 234 -22.82 -35.22 -12.00
CA GLY C 234 -23.51 -34.59 -10.88
C GLY C 234 -24.71 -33.76 -11.23
N ILE C 235 -25.27 -33.89 -12.42
CA ILE C 235 -26.42 -33.09 -12.83
C ILE C 235 -27.70 -33.80 -12.41
N ASP C 236 -28.78 -33.04 -12.35
CA ASP C 236 -30.10 -33.57 -12.02
C ASP C 236 -30.69 -34.20 -13.28
N THR C 237 -30.79 -35.53 -13.29
CA THR C 237 -31.23 -36.23 -14.49
C THR C 237 -32.69 -35.91 -14.83
N ALA C 238 -33.55 -35.84 -13.82
CA ALA C 238 -34.97 -35.61 -14.07
C ALA C 238 -35.23 -34.24 -14.70
N ALA C 239 -34.57 -33.19 -14.19
CA ALA C 239 -34.78 -31.86 -14.74
C ALA C 239 -34.29 -31.75 -16.18
N TRP C 240 -33.12 -32.29 -16.47
CA TRP C 240 -32.62 -32.24 -17.84
C TRP C 240 -33.46 -33.12 -18.76
N GLN C 241 -34.07 -34.17 -18.21
CA GLN C 241 -34.88 -35.06 -19.03
C GLN C 241 -36.24 -34.43 -19.34
N ASN C 242 -36.83 -33.70 -18.40
CA ASN C 242 -38.12 -33.08 -18.66
C ASN C 242 -38.00 -31.68 -19.22
N LYS C 243 -36.78 -31.14 -19.34
CA LYS C 243 -36.59 -29.88 -20.06
C LYS C 243 -36.45 -30.13 -21.56
N LEU C 244 -35.48 -30.94 -21.94
CA LEU C 244 -35.37 -31.44 -23.32
C LEU C 244 -36.20 -32.71 -23.40
N ASN C 245 -37.37 -32.62 -24.05
CA ASN C 245 -38.27 -33.76 -24.14
C ASN C 245 -37.55 -34.94 -24.76
N VAL C 246 -37.29 -35.97 -23.97
CA VAL C 246 -36.44 -37.09 -24.37
C VAL C 246 -37.19 -38.39 -24.15
N THR C 247 -37.10 -39.29 -25.13
CA THR C 247 -37.65 -40.63 -24.99
C THR C 247 -36.60 -41.53 -24.39
N ARG C 248 -36.85 -42.00 -23.16
CA ARG C 248 -35.87 -42.78 -22.43
C ARG C 248 -35.68 -44.13 -23.12
N LYS C 249 -34.42 -44.56 -23.23
CA LYS C 249 -34.10 -45.73 -24.03
C LYS C 249 -34.72 -47.00 -23.46
N ASN C 250 -34.74 -47.14 -22.13
CA ASN C 250 -35.37 -48.31 -21.53
C ASN C 250 -36.87 -48.33 -21.79
N ASP C 251 -37.47 -47.17 -22.06
CA ASP C 251 -38.88 -47.08 -22.41
C ASP C 251 -39.14 -47.29 -23.89
N TYR C 252 -38.08 -47.43 -24.69
CA TYR C 252 -38.20 -47.56 -26.14
C TYR C 252 -38.10 -49.00 -26.61
N LYS C 253 -37.47 -49.88 -25.83
CA LYS C 253 -37.35 -51.29 -26.21
C LYS C 253 -38.53 -52.11 -25.72
N ASP C 254 -39.51 -51.48 -25.08
CA ASP C 254 -40.70 -52.18 -24.61
C ASP C 254 -42.01 -51.48 -24.95
N ALA C 255 -42.00 -50.42 -25.75
CA ALA C 255 -43.20 -49.74 -26.22
C ALA C 255 -44.06 -49.25 -25.06
N ASN C 256 -43.49 -48.33 -24.28
CA ASN C 256 -44.20 -47.69 -23.18
C ASN C 256 -44.64 -46.30 -23.60
N ASP C 257 -45.85 -45.94 -23.17
CA ASP C 257 -46.45 -44.64 -23.48
C ASP C 257 -46.56 -44.42 -24.98
N ILE C 258 -47.17 -45.38 -25.68
CA ILE C 258 -47.37 -45.32 -27.12
C ILE C 258 -48.87 -45.30 -27.39
N ASP C 259 -49.31 -44.34 -28.20
CA ASP C 259 -50.71 -44.28 -28.62
C ASP C 259 -50.91 -45.33 -29.72
N VAL C 260 -51.69 -46.36 -29.41
CA VAL C 260 -51.79 -47.52 -30.29
C VAL C 260 -52.50 -47.15 -31.59
N ASN C 261 -53.51 -46.28 -31.51
CA ASN C 261 -54.35 -45.98 -32.68
C ASN C 261 -53.52 -45.40 -33.82
N LYS C 262 -52.72 -44.37 -33.54
CA LYS C 262 -51.95 -43.73 -34.59
C LYS C 262 -50.85 -44.63 -35.13
N TRP C 263 -50.26 -45.48 -34.29
CA TRP C 263 -49.25 -46.42 -34.79
C TRP C 263 -49.86 -47.50 -35.67
N LYS C 264 -51.07 -47.96 -35.34
CA LYS C 264 -51.77 -48.90 -36.21
C LYS C 264 -52.18 -48.24 -37.52
N ALA C 265 -52.54 -46.95 -37.48
CA ALA C 265 -52.97 -46.25 -38.68
C ALA C 265 -51.87 -46.21 -39.74
N LYS C 266 -50.65 -45.90 -39.31
CA LYS C 266 -49.54 -45.78 -40.27
C LYS C 266 -49.11 -47.13 -40.81
N LEU C 267 -48.96 -48.12 -39.93
CA LEU C 267 -48.49 -49.44 -40.36
C LEU C 267 -49.62 -50.27 -40.94
N LYS D 2 7.33 41.76 -15.83
CA LYS D 2 6.11 41.30 -15.17
C LYS D 2 5.25 40.49 -16.13
N LEU D 3 4.66 39.42 -15.62
CA LEU D 3 3.84 38.53 -16.45
C LEU D 3 2.62 39.28 -16.97
N THR D 4 2.47 39.34 -18.30
CA THR D 4 1.37 40.07 -18.91
C THR D 4 0.68 39.20 -19.95
N ILE D 5 -0.61 39.43 -20.14
CA ILE D 5 -1.43 38.72 -21.12
C ILE D 5 -1.95 39.75 -22.12
N GLU D 6 -1.87 39.43 -23.40
CA GLU D 6 -2.40 40.32 -24.43
C GLU D 6 -3.25 39.51 -25.41
N SER D 7 -4.26 40.17 -25.98
CA SER D 7 -5.25 39.52 -26.82
C SER D 7 -5.17 40.05 -28.24
N THR D 8 -5.29 39.14 -29.21
CA THR D 8 -5.31 39.51 -30.63
C THR D 8 -6.45 38.82 -31.34
N PRO D 9 -7.40 39.57 -31.92
CA PRO D 9 -7.57 41.03 -31.80
C PRO D 9 -8.35 41.40 -30.55
N PHE D 10 -8.26 42.65 -30.09
CA PHE D 10 -9.04 43.07 -28.93
C PHE D 10 -10.53 43.05 -29.24
N ASN D 11 -10.92 43.58 -30.40
CA ASN D 11 -12.29 43.51 -30.88
C ASN D 11 -12.39 42.37 -31.87
N VAL D 12 -13.26 41.40 -31.58
CA VAL D 12 -13.34 40.15 -32.31
C VAL D 12 -14.69 40.06 -33.00
N ALA D 13 -14.72 39.43 -34.17
CA ALA D 13 -15.96 39.24 -34.91
C ALA D 13 -16.75 38.09 -34.27
N GLU D 14 -17.88 37.74 -34.88
CA GLU D 14 -18.78 36.73 -34.34
C GLU D 14 -18.48 35.33 -34.89
N GLY D 15 -17.50 35.20 -35.78
CA GLY D 15 -17.17 33.89 -36.32
C GLY D 15 -15.69 33.65 -36.53
N LYS D 16 -14.85 34.59 -36.09
CA LYS D 16 -13.41 34.46 -36.22
C LYS D 16 -12.83 33.85 -34.95
N GLU D 17 -11.50 33.90 -34.82
CA GLU D 17 -10.79 33.33 -33.69
C GLU D 17 -10.06 34.42 -32.91
N VAL D 18 -9.67 34.07 -31.69
CA VAL D 18 -8.94 34.98 -30.80
C VAL D 18 -7.75 34.23 -30.21
N LEU D 19 -6.62 34.92 -30.13
CA LEU D 19 -5.38 34.36 -29.61
C LEU D 19 -4.93 35.16 -28.40
N LEU D 20 -4.72 34.46 -27.28
CA LEU D 20 -4.21 35.06 -26.06
C LEU D 20 -2.75 34.67 -25.89
N LEU D 21 -1.87 35.66 -25.85
CA LEU D 21 -0.42 35.47 -25.78
C LEU D 21 0.11 36.03 -24.47
N VAL D 22 1.30 35.55 -24.09
CA VAL D 22 1.89 35.82 -22.79
C VAL D 22 3.26 36.45 -22.99
N HIS D 23 3.52 37.54 -22.28
CA HIS D 23 4.84 38.17 -22.24
C HIS D 23 5.42 38.07 -20.83
N ASN D 24 6.75 37.93 -20.78
CA ASN D 24 7.51 37.80 -19.54
C ASN D 24 7.20 36.49 -18.82
N LEU D 25 7.21 35.40 -19.58
CA LEU D 25 7.00 34.07 -18.99
C LEU D 25 8.20 33.69 -18.13
N PRO D 26 7.99 33.31 -16.88
CA PRO D 26 9.12 32.86 -16.05
C PRO D 26 9.73 31.57 -16.59
N GLN D 27 11.04 31.48 -16.41
CA GLN D 27 11.74 30.25 -16.84
C GLN D 27 11.66 29.22 -15.71
N HIS D 28 11.99 27.96 -15.98
CA HIS D 28 11.98 26.84 -15.04
C HIS D 28 10.58 26.66 -14.44
N LEU D 29 9.65 26.32 -15.32
CA LEU D 29 8.25 26.13 -14.95
C LEU D 29 7.96 24.66 -14.62
N PHE D 30 6.75 24.41 -14.15
CA PHE D 30 6.25 23.06 -13.92
C PHE D 30 4.94 22.80 -14.65
N GLY D 31 4.08 23.80 -14.74
CA GLY D 31 2.82 23.66 -15.45
C GLY D 31 2.05 24.95 -15.40
N TYR D 32 0.97 25.00 -16.18
CA TYR D 32 0.11 26.16 -16.21
C TYR D 32 -1.30 25.75 -16.65
N SER D 33 -2.27 26.59 -16.31
CA SER D 33 -3.67 26.31 -16.58
C SER D 33 -4.40 27.61 -16.89
N TRP D 34 -5.56 27.48 -17.51
CA TRP D 34 -6.37 28.60 -17.94
C TRP D 34 -7.72 28.56 -17.26
N TYR D 35 -8.21 29.73 -16.81
CA TYR D 35 -9.44 29.83 -16.06
C TYR D 35 -10.37 30.84 -16.70
N LYS D 36 -11.64 30.75 -16.32
CA LYS D 36 -12.68 31.67 -16.75
C LYS D 36 -13.05 32.57 -15.58
N GLY D 37 -12.73 33.86 -15.67
CA GLY D 37 -13.01 34.78 -14.60
C GLY D 37 -11.80 35.54 -14.11
N GLU D 38 -11.87 36.03 -12.87
CA GLU D 38 -10.78 36.81 -12.28
C GLU D 38 -10.22 36.15 -11.02
N ARG D 39 -10.45 34.85 -10.84
CA ARG D 39 -9.97 34.16 -9.65
C ARG D 39 -9.68 32.70 -10.01
N VAL D 40 -8.76 32.10 -9.25
CA VAL D 40 -8.37 30.71 -9.48
C VAL D 40 -9.44 29.85 -8.83
N ASP D 41 -10.46 29.51 -9.60
CA ASP D 41 -11.58 28.69 -9.15
C ASP D 41 -11.53 27.33 -9.84
N GLY D 42 -11.73 26.26 -9.06
CA GLY D 42 -11.66 24.92 -9.61
C GLY D 42 -12.77 24.62 -10.61
N ASN D 43 -13.96 25.15 -10.38
CA ASN D 43 -15.11 24.83 -11.23
C ASN D 43 -15.11 25.58 -12.55
N ARG D 44 -14.18 26.50 -12.76
CA ARG D 44 -14.14 27.35 -13.95
C ARG D 44 -12.78 27.27 -14.63
N GLN D 45 -12.29 26.03 -14.76
CA GLN D 45 -10.98 25.76 -15.42
C GLN D 45 -11.25 25.21 -16.82
N ILE D 46 -10.48 25.66 -17.81
CA ILE D 46 -10.69 25.25 -19.20
C ILE D 46 -9.73 24.13 -19.58
N ILE D 47 -8.43 24.40 -19.54
CA ILE D 47 -7.42 23.45 -20.01
C ILE D 47 -6.13 23.68 -19.25
N GLY D 48 -5.34 22.62 -19.10
CA GLY D 48 -4.08 22.71 -18.40
C GLY D 48 -3.02 21.88 -19.10
N TYR D 49 -1.76 22.26 -18.84
CA TYR D 49 -0.62 21.63 -19.49
C TYR D 49 0.43 21.28 -18.45
N VAL D 50 1.07 20.12 -18.64
CA VAL D 50 2.15 19.64 -17.79
C VAL D 50 3.37 19.43 -18.68
N ILE D 51 4.50 19.99 -18.27
CA ILE D 51 5.69 20.02 -19.11
C ILE D 51 6.47 18.71 -19.00
N GLY D 52 6.60 18.16 -17.80
CA GLY D 52 7.44 16.99 -17.59
C GLY D 52 7.03 15.78 -18.39
N THR D 53 5.74 15.64 -18.70
CA THR D 53 5.26 14.52 -19.50
C THR D 53 4.62 14.96 -20.82
N GLN D 54 4.67 16.26 -21.14
CA GLN D 54 4.07 16.82 -22.36
C GLN D 54 2.59 16.45 -22.46
N GLN D 55 1.83 16.82 -21.42
CA GLN D 55 0.44 16.42 -21.30
C GLN D 55 -0.48 17.63 -21.35
N ALA D 56 -1.61 17.48 -22.04
CA ALA D 56 -2.65 18.50 -22.09
C ALA D 56 -3.96 17.87 -21.66
N THR D 57 -4.63 18.49 -20.69
CA THR D 57 -5.89 17.90 -20.16
C THR D 57 -6.96 18.95 -20.10
N PRO D 58 -8.17 18.69 -20.60
CA PRO D 58 -9.29 19.63 -20.48
C PRO D 58 -9.82 19.71 -19.06
N GLY D 59 -10.64 20.72 -18.82
CA GLY D 59 -11.20 20.95 -17.51
C GLY D 59 -12.71 20.92 -17.52
N PRO D 60 -13.32 21.28 -16.38
CA PRO D 60 -14.79 21.29 -16.30
C PRO D 60 -15.45 22.21 -17.31
N ALA D 61 -14.84 23.35 -17.62
CA ALA D 61 -15.37 24.31 -18.58
C ALA D 61 -14.62 24.12 -19.90
N TYR D 62 -15.06 23.11 -20.67
CA TYR D 62 -14.43 22.78 -21.94
C TYR D 62 -15.53 22.56 -22.98
N SER D 63 -15.75 23.56 -23.83
CA SER D 63 -16.76 23.45 -24.88
C SER D 63 -16.23 22.74 -26.13
N GLY D 64 -14.93 22.51 -26.21
CA GLY D 64 -14.34 21.85 -27.36
C GLY D 64 -13.77 22.77 -28.43
N ARG D 65 -13.62 24.07 -28.15
CA ARG D 65 -13.15 25.03 -29.13
C ARG D 65 -11.83 25.69 -28.72
N GLU D 66 -11.13 25.13 -27.74
CA GLU D 66 -9.96 25.77 -27.15
C GLU D 66 -8.73 24.91 -27.37
N ILE D 67 -7.62 25.57 -27.73
CA ILE D 67 -6.36 24.90 -28.00
C ILE D 67 -5.25 25.58 -27.20
N ILE D 68 -4.43 24.79 -26.51
CA ILE D 68 -3.30 25.32 -25.76
C ILE D 68 -2.04 25.14 -26.59
N TYR D 69 -1.02 25.95 -26.29
CA TYR D 69 0.24 25.85 -26.99
C TYR D 69 1.40 25.75 -26.00
N PRO D 70 2.53 25.15 -26.40
CA PRO D 70 3.64 24.95 -25.46
C PRO D 70 4.26 26.22 -24.93
N ASN D 71 4.07 27.37 -25.59
CA ASN D 71 4.56 28.65 -25.10
C ASN D 71 3.54 29.34 -24.21
N ALA D 72 2.61 28.57 -23.63
CA ALA D 72 1.56 29.08 -22.76
C ALA D 72 0.71 30.14 -23.46
N SER D 73 0.08 29.72 -24.55
CA SER D 73 -0.82 30.61 -25.29
C SER D 73 -2.09 29.85 -25.60
N LEU D 74 -3.18 30.59 -25.74
CA LEU D 74 -4.51 30.00 -25.89
C LEU D 74 -5.15 30.47 -27.19
N LEU D 75 -5.87 29.56 -27.85
CA LEU D 75 -6.60 29.85 -29.07
C LEU D 75 -8.06 29.45 -28.89
N ILE D 76 -8.96 30.39 -29.14
CA ILE D 76 -10.40 30.13 -29.06
C ILE D 76 -11.02 30.45 -30.41
N GLN D 77 -11.75 29.49 -30.97
CA GLN D 77 -12.32 29.62 -32.31
C GLN D 77 -13.84 29.47 -32.26
N ASN D 78 -14.51 30.03 -33.27
CA ASN D 78 -15.97 30.08 -33.34
C ASN D 78 -16.56 30.77 -32.12
N ILE D 79 -16.25 32.07 -32.04
CA ILE D 79 -16.65 32.88 -30.90
C ILE D 79 -18.16 33.11 -30.95
N ILE D 80 -18.82 32.92 -29.81
CA ILE D 80 -20.21 33.29 -29.66
C ILE D 80 -20.32 34.36 -28.57
N GLN D 81 -21.52 34.90 -28.37
CA GLN D 81 -21.71 36.13 -27.62
C GLN D 81 -21.47 35.95 -26.11
N ASN D 82 -21.46 34.73 -25.61
CA ASN D 82 -21.28 34.49 -24.18
C ASN D 82 -19.83 34.19 -23.81
N ASP D 83 -18.89 34.43 -24.72
CA ASP D 83 -17.48 34.19 -24.48
C ASP D 83 -16.69 35.48 -24.22
N THR D 84 -17.39 36.57 -23.95
CA THR D 84 -16.76 37.87 -23.75
C THR D 84 -16.50 38.12 -22.28
N GLY D 85 -15.31 38.59 -21.95
CA GLY D 85 -15.00 38.94 -20.58
C GLY D 85 -13.53 38.71 -20.28
N PHE D 86 -13.28 38.14 -19.10
CA PHE D 86 -11.95 38.02 -18.53
C PHE D 86 -11.50 36.57 -18.53
N TYR D 87 -10.18 36.39 -18.67
CA TYR D 87 -9.54 35.09 -18.52
C TYR D 87 -8.32 35.24 -17.63
N THR D 88 -8.03 34.19 -16.86
CA THR D 88 -6.97 34.22 -15.86
C THR D 88 -5.99 33.07 -16.10
N LEU D 89 -4.71 33.38 -16.02
CA LEU D 89 -3.64 32.41 -16.22
C LEU D 89 -2.93 32.15 -14.90
N HIS D 90 -2.78 30.88 -14.55
CA HIS D 90 -2.10 30.43 -13.34
C HIS D 90 -0.82 29.69 -13.74
N VAL D 91 0.30 30.09 -13.16
CA VAL D 91 1.61 29.56 -13.51
C VAL D 91 2.24 28.96 -12.25
N ILE D 92 2.78 27.76 -12.38
CA ILE D 92 3.46 27.06 -11.28
C ILE D 92 4.93 26.98 -11.63
N LYS D 93 5.78 27.45 -10.72
CA LYS D 93 7.22 27.41 -10.93
C LYS D 93 7.79 26.10 -10.39
N SER D 94 9.07 25.86 -10.64
CA SER D 94 9.68 24.58 -10.24
C SER D 94 9.79 24.50 -8.71
N ASP D 95 9.87 25.64 -8.03
CA ASP D 95 9.93 25.65 -6.57
C ASP D 95 8.55 25.68 -5.92
N LEU D 96 7.51 25.29 -6.65
CA LEU D 96 6.13 25.14 -6.18
C LEU D 96 5.48 26.46 -5.82
N VAL D 97 6.05 27.59 -6.21
CA VAL D 97 5.45 28.89 -5.98
C VAL D 97 4.59 29.26 -7.18
N ASN D 98 3.50 29.99 -6.93
CA ASN D 98 2.50 30.27 -7.94
C ASN D 98 2.51 31.75 -8.34
N GLU D 99 2.04 31.99 -9.56
CA GLU D 99 1.85 33.34 -10.09
C GLU D 99 0.56 33.38 -10.89
N GLU D 100 -0.01 34.58 -11.04
CA GLU D 100 -1.27 34.75 -11.75
C GLU D 100 -1.21 35.98 -12.65
N ALA D 101 -2.05 35.95 -13.68
CA ALA D 101 -2.18 37.08 -14.60
C ALA D 101 -3.59 37.09 -15.16
N THR D 102 -4.00 38.25 -15.70
CA THR D 102 -5.38 38.45 -16.15
C THR D 102 -5.41 39.16 -17.49
N GLY D 103 -6.36 38.75 -18.34
CA GLY D 103 -6.57 39.39 -19.62
C GLY D 103 -8.06 39.53 -19.90
N GLN D 104 -8.37 40.35 -20.91
CA GLN D 104 -9.74 40.76 -21.16
C GLN D 104 -9.98 40.96 -22.65
N PHE D 105 -11.19 40.64 -23.10
CA PHE D 105 -11.64 41.04 -24.43
C PHE D 105 -13.15 41.03 -24.48
N ARG D 106 -13.69 41.69 -25.51
CA ARG D 106 -15.12 41.82 -25.72
C ARG D 106 -15.49 41.32 -27.10
N VAL D 107 -16.77 40.97 -27.26
CA VAL D 107 -17.30 40.45 -28.52
C VAL D 107 -18.45 41.36 -28.96
N TYR D 108 -18.43 41.76 -30.23
CA TYR D 108 -19.48 42.60 -30.78
C TYR D 108 -20.10 41.93 -32.00
N PRO D 109 -21.41 42.11 -32.22
CA PRO D 109 -22.10 41.53 -33.39
C PRO D 109 -21.66 42.19 -34.70
N SER E 5 39.17 20.17 18.84
CA SER E 5 39.08 21.62 18.99
C SER E 5 37.81 22.02 19.75
N ALA E 6 37.84 23.21 20.34
CA ALA E 6 36.70 23.69 21.10
C ALA E 6 35.53 24.02 20.18
N PRO E 7 34.30 23.86 20.65
CA PRO E 7 33.13 24.23 19.82
C PRO E 7 33.13 25.71 19.49
N VAL E 8 32.57 26.03 18.32
CA VAL E 8 32.53 27.41 17.83
C VAL E 8 31.12 27.71 17.33
N PHE E 9 30.69 28.96 17.52
CA PHE E 9 29.36 29.43 17.14
C PHE E 9 29.54 30.79 16.46
N GLN E 10 29.55 30.81 15.13
CA GLN E 10 29.83 32.06 14.43
C GLN E 10 29.33 31.96 12.99
N ALA E 11 29.77 32.91 12.17
CA ALA E 11 29.39 32.95 10.76
C ALA E 11 30.42 32.20 9.92
N GLY E 12 29.94 31.66 8.80
CA GLY E 12 30.78 30.91 7.89
C GLY E 12 31.43 31.79 6.84
N THR E 13 31.85 31.16 5.75
CA THR E 13 32.51 31.86 4.65
C THR E 13 31.52 32.40 3.63
N GLY E 14 30.22 32.15 3.82
CA GLY E 14 29.22 32.67 2.92
C GLY E 14 28.42 33.81 3.53
N THR E 15 27.72 34.56 2.70
CA THR E 15 26.92 35.68 3.18
C THR E 15 25.72 35.16 3.97
N ASP E 16 25.53 35.70 5.17
CA ASP E 16 24.43 35.30 6.06
C ASP E 16 24.45 33.81 6.35
N SER E 17 25.65 33.27 6.61
CA SER E 17 25.82 31.86 6.91
C SER E 17 26.06 31.67 8.40
N THR E 18 25.88 30.43 8.87
CA THR E 18 26.00 30.12 10.28
C THR E 18 26.60 28.73 10.48
N VAL E 19 27.62 28.66 11.32
CA VAL E 19 28.21 27.41 11.78
C VAL E 19 28.07 27.35 13.29
N ALA E 20 27.55 26.23 13.79
CA ALA E 20 27.35 26.04 15.23
C ALA E 20 27.70 24.60 15.57
N GLY E 21 28.81 24.41 16.30
CA GLY E 21 29.21 23.06 16.66
C GLY E 21 30.71 22.85 16.57
N VAL E 22 31.12 21.69 16.05
CA VAL E 22 32.53 21.33 15.99
C VAL E 22 32.94 21.11 14.54
N ASN E 23 33.89 21.92 14.07
CA ASN E 23 34.47 21.79 12.73
C ASN E 23 33.41 21.76 11.64
N ASN E 24 32.59 22.81 11.61
CA ASN E 24 31.52 22.95 10.63
C ASN E 24 31.90 24.01 9.60
N GLU E 25 31.51 23.78 8.35
CA GLU E 25 31.76 24.74 7.27
C GLU E 25 30.47 24.94 6.48
N ALA E 26 30.13 26.21 6.23
CA ALA E 26 28.96 26.59 5.44
C ALA E 26 29.42 27.56 4.37
N ASN E 27 29.62 27.04 3.16
CA ASN E 27 30.19 27.82 2.06
C ASN E 27 29.14 28.48 1.18
N GLY E 28 27.85 28.24 1.44
CA GLY E 28 26.79 28.74 0.60
C GLY E 28 26.14 30.01 1.16
N GLU E 29 25.26 30.59 0.36
CA GLU E 29 24.52 31.78 0.75
C GLU E 29 23.33 31.39 1.60
N LYS E 30 23.23 31.96 2.80
CA LYS E 30 22.15 31.68 3.74
C LYS E 30 22.07 30.18 4.07
N SER E 31 23.23 29.58 4.30
CA SER E 31 23.33 28.16 4.62
C SER E 31 23.63 27.98 6.11
N SER E 32 23.27 26.81 6.63
CA SER E 32 23.39 26.53 8.06
C SER E 32 23.98 25.15 8.29
N ALA E 33 25.01 25.09 9.14
CA ALA E 33 25.64 23.84 9.53
C ALA E 33 25.62 23.73 11.06
N PHE E 34 24.86 22.76 11.57
CA PHE E 34 24.67 22.60 13.01
C PHE E 34 25.04 21.17 13.41
N GLY E 35 25.97 21.05 14.35
CA GLY E 35 26.33 19.76 14.91
C GLY E 35 27.80 19.41 14.87
N TYR E 36 28.13 18.22 14.37
CA TYR E 36 29.50 17.74 14.32
C TYR E 36 29.92 17.52 12.87
N GLU E 37 30.85 18.34 12.40
CA GLU E 37 31.49 18.20 11.08
C GLU E 37 30.47 18.04 9.96
N ASN E 38 29.66 19.08 9.80
CA ASN E 38 28.65 19.15 8.75
C ASN E 38 29.10 20.09 7.64
N LYS E 39 28.63 19.83 6.43
CA LYS E 39 29.02 20.61 5.26
C LYS E 39 27.77 21.03 4.49
N ALA E 40 27.57 22.35 4.38
CA ALA E 40 26.52 22.92 3.55
C ALA E 40 27.20 23.76 2.47
N LYS E 41 27.14 23.29 1.22
CA LYS E 41 27.95 23.84 0.16
C LYS E 41 27.19 24.68 -0.86
N GLU E 42 25.86 24.72 -0.78
CA GLU E 42 25.09 25.42 -1.81
C GLU E 42 24.18 26.48 -1.20
N LYS E 43 23.32 27.06 -2.04
CA LYS E 43 22.44 28.13 -1.62
C LYS E 43 21.24 27.56 -0.87
N LEU E 44 20.95 28.13 0.30
CA LEU E 44 19.81 27.74 1.14
C LEU E 44 19.86 26.24 1.47
N SER E 45 21.01 25.79 1.95
CA SER E 45 21.22 24.40 2.30
C SER E 45 21.36 24.25 3.81
N SER E 46 20.82 23.15 4.33
CA SER E 46 20.78 22.91 5.77
C SER E 46 21.34 21.53 6.08
N ALA E 47 22.32 21.49 7.00
CA ALA E 47 22.94 20.24 7.43
C ALA E 47 22.90 20.17 8.95
N PHE E 48 22.06 19.27 9.48
CA PHE E 48 21.85 19.16 10.91
C PHE E 48 22.18 17.75 11.39
N GLY E 49 23.09 17.65 12.35
CA GLY E 49 23.38 16.38 12.99
C GLY E 49 24.84 15.97 13.01
N TYR E 50 25.11 14.74 12.55
CA TYR E 50 26.45 14.17 12.57
C TYR E 50 26.89 13.84 11.15
N LYS E 51 27.87 14.61 10.66
CA LYS E 51 28.53 14.35 9.37
C LYS E 51 27.53 14.29 8.22
N ASN E 52 26.86 15.40 7.98
CA ASN E 52 25.88 15.52 6.92
C ASN E 52 26.41 16.43 5.81
N ILE E 53 26.10 16.06 4.57
CA ILE E 53 26.52 16.83 3.40
C ILE E 53 25.27 17.24 2.63
N ALA E 54 25.12 18.54 2.40
CA ALA E 54 24.05 19.09 1.58
C ALA E 54 24.70 19.76 0.38
N ASN E 55 24.67 19.09 -0.77
CA ASN E 55 25.40 19.53 -1.94
C ASN E 55 24.49 20.02 -3.05
N GLY E 56 23.22 20.29 -2.74
CA GLY E 56 22.29 20.78 -3.74
C GLY E 56 21.60 22.04 -3.26
N ILE E 57 21.04 22.77 -4.23
CA ILE E 57 20.32 24.00 -3.93
C ILE E 57 19.01 23.64 -3.23
N GLU E 58 18.81 24.21 -2.04
CA GLU E 58 17.62 23.94 -1.22
C GLU E 58 17.49 22.46 -0.91
N GLY E 59 18.59 21.86 -0.47
CA GLY E 59 18.60 20.47 -0.03
C GLY E 59 18.79 20.39 1.47
N SER E 60 18.19 19.36 2.07
CA SER E 60 18.18 19.22 3.52
C SER E 60 18.72 17.85 3.92
N ALA E 61 19.70 17.84 4.82
CA ALA E 61 20.25 16.61 5.37
C ALA E 61 20.07 16.65 6.88
N PHE E 62 19.28 15.71 7.41
CA PHE E 62 18.94 15.72 8.83
C PHE E 62 19.17 14.33 9.41
N GLY E 63 20.06 14.26 10.41
CA GLY E 63 20.31 13.01 11.11
C GLY E 63 21.77 12.60 11.18
N ILE E 64 22.06 11.37 10.75
CA ILE E 64 23.40 10.81 10.87
C ILE E 64 23.87 10.34 9.49
N SER E 65 24.90 10.98 8.96
CA SER E 65 25.57 10.58 7.72
C SER E 65 24.60 10.51 6.54
N ASN E 66 24.01 11.65 6.21
CA ASN E 66 23.05 11.75 5.14
C ASN E 66 23.61 12.58 4.00
N LEU E 67 23.19 12.25 2.77
CA LEU E 67 23.62 12.95 1.58
C LEU E 67 22.40 13.42 0.80
N ALA E 68 22.40 14.71 0.44
CA ALA E 68 21.33 15.31 -0.36
C ALA E 68 21.99 16.07 -1.51
N LYS E 69 22.00 15.48 -2.69
CA LYS E 69 22.71 16.05 -3.83
C LYS E 69 21.78 16.74 -4.83
N GLY E 70 20.53 16.32 -4.93
CA GLY E 70 19.61 16.88 -5.90
C GLY E 70 18.97 18.18 -5.43
N GLN E 71 18.33 18.85 -6.37
CA GLN E 71 17.61 20.09 -6.09
C GLN E 71 16.29 19.78 -5.41
N TYR E 72 16.00 20.50 -4.32
CA TYR E 72 14.81 20.27 -3.50
C TYR E 72 14.75 18.82 -3.02
N SER E 73 15.90 18.33 -2.54
CA SER E 73 16.03 16.95 -2.09
C SER E 73 16.02 16.89 -0.57
N SER E 74 15.61 15.74 -0.04
CA SER E 74 15.47 15.56 1.41
C SER E 74 16.00 14.19 1.81
N ALA E 75 16.96 14.19 2.74
CA ALA E 75 17.49 12.96 3.33
C ALA E 75 17.29 13.04 4.83
N PHE E 76 16.48 12.11 5.38
CA PHE E 76 16.11 12.15 6.79
C PHE E 76 16.33 10.78 7.42
N GLY E 77 17.21 10.73 8.43
CA GLY E 77 17.40 9.52 9.19
C GLY E 77 18.83 9.04 9.32
N PHE E 78 19.08 7.81 8.88
CA PHE E 78 20.38 7.16 9.03
C PHE E 78 20.86 6.67 7.66
N ARG E 79 21.87 7.34 7.12
CA ARG E 79 22.58 6.93 5.90
C ARG E 79 21.60 6.80 4.71
N ASN E 80 21.03 7.94 4.35
CA ASN E 80 20.11 8.02 3.22
C ASN E 80 20.70 8.92 2.14
N VAL E 81 20.41 8.58 0.89
CA VAL E 81 20.95 9.29 -0.26
C VAL E 81 19.80 9.73 -1.15
N ALA E 82 19.73 11.04 -1.44
CA ALA E 82 18.79 11.59 -2.41
C ALA E 82 19.58 12.30 -3.50
N ASN E 83 19.32 11.95 -4.76
CA ASN E 83 20.18 12.36 -5.86
C ASN E 83 19.50 13.22 -6.91
N LYS E 84 18.20 13.10 -7.10
CA LYS E 84 17.51 13.79 -8.18
C LYS E 84 16.62 14.90 -7.63
N ARG E 85 15.90 15.56 -8.53
CA ARG E 85 15.05 16.68 -8.15
C ARG E 85 13.75 16.17 -7.53
N HIS E 86 13.37 16.77 -6.41
CA HIS E 86 12.15 16.41 -5.67
C HIS E 86 12.15 14.93 -5.27
N SER E 87 13.30 14.43 -4.83
CA SER E 87 13.43 13.07 -4.34
C SER E 87 13.49 13.05 -2.81
N SER E 88 12.99 11.96 -2.24
CA SER E 88 12.85 11.86 -0.80
C SER E 88 13.33 10.50 -0.31
N ALA E 89 14.24 10.52 0.68
CA ALA E 89 14.71 9.31 1.33
C ALA E 89 14.46 9.41 2.82
N PHE E 90 13.63 8.52 3.35
CA PHE E 90 13.24 8.58 4.75
C PHE E 90 13.46 7.22 5.40
N GLY E 91 14.28 7.20 6.46
CA GLY E 91 14.49 5.98 7.20
C GLY E 91 15.94 5.55 7.30
N SER E 92 16.22 4.28 6.99
CA SER E 92 17.56 3.71 7.13
C SER E 92 18.01 3.11 5.81
N GLY E 93 19.12 3.60 5.29
CA GLY E 93 19.75 3.04 4.11
C GLY E 93 18.97 3.14 2.82
N ASN E 94 18.30 4.26 2.59
CA ASN E 94 17.47 4.44 1.40
C ASN E 94 18.19 5.28 0.37
N GLU E 95 18.04 4.91 -0.90
CA GLU E 95 18.60 5.64 -2.02
C GLU E 95 17.50 5.97 -3.01
N ALA E 96 17.43 7.22 -3.45
CA ALA E 96 16.44 7.69 -4.41
C ALA E 96 17.17 8.32 -5.59
N ASN E 97 17.21 7.61 -6.71
CA ASN E 97 17.91 8.06 -7.92
C ASN E 97 16.95 8.35 -9.06
N GLY E 98 15.71 8.71 -8.74
CA GLY E 98 14.73 9.05 -9.75
C GLY E 98 14.05 10.35 -9.42
N GLU E 99 13.67 11.08 -10.47
CA GLU E 99 12.99 12.35 -10.31
C GLU E 99 11.61 12.14 -9.75
N GLN E 100 11.28 12.87 -8.67
CA GLN E 100 9.99 12.75 -7.99
C GLN E 100 9.72 11.32 -7.55
N SER E 101 10.71 10.71 -6.91
CA SER E 101 10.64 9.34 -6.41
C SER E 101 10.72 9.34 -4.89
N SER E 102 10.21 8.27 -4.28
CA SER E 102 10.13 8.20 -2.83
C SER E 102 10.59 6.83 -2.33
N ALA E 103 11.52 6.84 -1.39
CA ALA E 103 11.98 5.63 -0.72
C ALA E 103 11.72 5.76 0.77
N PHE E 104 10.94 4.85 1.36
CA PHE E 104 10.56 4.98 2.80
C PHE E 104 10.62 3.59 3.48
N GLY E 105 11.39 3.43 4.56
CA GLY E 105 11.53 2.18 5.32
C GLY E 105 12.97 1.72 5.52
N PHE E 106 13.31 0.47 5.16
CA PHE E 106 14.69 -0.10 5.33
C PHE E 106 15.31 -0.56 4.01
N LYS E 107 16.49 -0.06 3.66
CA LYS E 107 17.27 -0.45 2.45
C LYS E 107 16.42 -0.57 1.20
N ASN E 108 15.83 0.53 0.75
CA ASN E 108 15.06 0.52 -0.52
C ASN E 108 15.80 1.39 -1.54
N THR E 109 15.67 1.08 -2.82
CA THR E 109 16.27 1.80 -3.94
C THR E 109 15.22 2.02 -5.02
N VAL E 110 15.07 3.27 -5.46
CA VAL E 110 14.16 3.64 -6.53
C VAL E 110 14.95 4.42 -7.58
N SER E 111 14.83 4.02 -8.84
CA SER E 111 15.53 4.69 -9.94
C SER E 111 14.61 4.98 -11.11
N GLY E 112 13.31 5.15 -10.86
CA GLY E 112 12.38 5.42 -11.93
C GLY E 112 11.67 6.75 -11.81
N PHE E 113 11.02 7.19 -12.88
CA PHE E 113 10.28 8.45 -12.89
C PHE E 113 8.92 8.24 -12.22
N ASN E 114 8.68 8.98 -11.13
CA ASN E 114 7.43 8.88 -10.37
C ASN E 114 7.16 7.46 -9.90
N SER E 115 8.09 6.93 -9.07
CA SER E 115 7.97 5.59 -8.51
C SER E 115 8.09 5.65 -7.00
N SER E 116 7.51 4.65 -6.33
CA SER E 116 7.44 4.62 -4.88
C SER E 116 7.80 3.25 -4.34
N ALA E 117 8.61 3.24 -3.27
CA ALA E 117 8.93 1.99 -2.58
C ALA E 117 8.71 2.17 -1.09
N PHE E 118 7.93 1.27 -0.49
CA PHE E 118 7.69 1.28 0.94
C PHE E 118 7.99 -0.10 1.51
N GLY E 119 8.84 -0.13 2.54
CA GLY E 119 9.10 -1.37 3.24
C GLY E 119 10.56 -1.75 3.34
N SER E 120 10.86 -3.01 3.04
CA SER E 120 12.20 -3.57 3.24
C SER E 120 12.72 -4.16 1.94
N GLN E 121 13.86 -3.62 1.49
CA GLN E 121 14.72 -4.19 0.45
C GLN E 121 13.96 -4.67 -0.79
N TYR E 122 13.30 -3.71 -1.44
CA TYR E 122 12.92 -3.76 -2.85
C TYR E 122 13.69 -2.75 -3.69
N GLU E 123 13.76 -3.05 -4.98
CA GLU E 123 14.28 -2.15 -6.00
C GLU E 123 13.23 -1.98 -7.08
N VAL E 124 12.97 -0.73 -7.46
CA VAL E 124 12.01 -0.40 -8.52
C VAL E 124 12.77 0.37 -9.58
N THR E 125 12.90 -0.21 -10.77
CA THR E 125 13.60 0.42 -11.88
C THR E 125 12.67 0.84 -13.01
N GLY E 126 11.38 0.52 -12.93
CA GLY E 126 10.43 0.90 -13.94
C GLY E 126 9.83 2.28 -13.69
N ASN E 127 9.15 2.78 -14.71
CA ASN E 127 8.51 4.10 -14.64
C ASN E 127 7.05 3.94 -14.24
N PHE E 128 6.60 4.83 -13.35
CA PHE E 128 5.22 4.84 -12.86
C PHE E 128 4.84 3.51 -12.22
N SER E 129 5.76 2.97 -11.42
CA SER E 129 5.58 1.68 -10.77
C SER E 129 5.63 1.84 -9.26
N GLY E 130 5.31 0.75 -8.55
CA GLY E 130 5.24 0.81 -7.10
C GLY E 130 5.44 -0.51 -6.39
N ALA E 131 6.12 -0.47 -5.24
CA ALA E 131 6.45 -1.67 -4.48
C ALA E 131 6.09 -1.49 -3.02
N PHE E 132 5.37 -2.46 -2.46
CA PHE E 132 5.01 -2.46 -1.05
C PHE E 132 5.33 -3.82 -0.44
N GLY E 133 6.35 -3.86 0.41
CA GLY E 133 6.66 -5.13 1.05
C GLY E 133 8.13 -5.45 1.24
N MET E 134 8.48 -6.73 1.11
CA MET E 134 9.80 -7.22 1.49
C MET E 134 10.45 -8.05 0.39
N GLY E 135 11.76 -7.83 0.21
CA GLY E 135 12.56 -8.61 -0.71
C GLY E 135 13.82 -9.18 -0.08
N GLU E 136 14.97 -8.96 -0.70
CA GLU E 136 16.23 -9.48 -0.19
C GLU E 136 17.40 -8.68 -0.75
N PHE E 137 18.41 -8.48 0.09
CA PHE E 137 19.63 -7.79 -0.30
C PHE E 137 20.83 -8.49 0.32
N ASN E 138 21.80 -8.86 -0.52
CA ASN E 138 23.05 -9.45 -0.04
C ASN E 138 24.27 -8.91 -0.78
N GLY E 139 24.25 -7.63 -1.16
CA GLY E 139 25.23 -7.04 -2.05
C GLY E 139 24.64 -6.65 -3.39
N GLN E 140 23.68 -7.42 -3.88
CA GLN E 140 22.89 -7.07 -5.05
C GLN E 140 21.43 -7.39 -4.74
N TYR E 141 20.53 -6.69 -5.43
CA TYR E 141 19.10 -6.90 -5.23
C TYR E 141 18.64 -8.12 -6.04
N GLN E 142 17.96 -9.05 -5.38
CA GLN E 142 17.53 -10.29 -6.01
C GLN E 142 16.11 -10.23 -6.55
N TYR E 143 15.32 -9.22 -6.17
CA TYR E 143 13.95 -9.08 -6.64
C TYR E 143 13.71 -7.62 -6.99
N LYS E 144 13.41 -7.38 -8.26
CA LYS E 144 13.22 -6.02 -8.77
C LYS E 144 11.91 -5.91 -9.53
N ASN E 145 11.41 -4.68 -9.62
CA ASN E 145 10.24 -4.35 -10.44
C ASN E 145 10.74 -3.57 -11.64
N GLU E 146 10.94 -4.28 -12.76
CA GLU E 146 11.52 -3.71 -13.96
C GLU E 146 10.47 -3.35 -15.00
N GLY E 147 9.19 -3.43 -14.66
CA GLY E 147 8.12 -3.13 -15.58
C GLY E 147 7.52 -1.75 -15.37
N ASN E 148 6.94 -1.20 -16.43
CA ASN E 148 6.31 0.11 -16.38
C ASN E 148 4.83 -0.01 -16.07
N ASN E 149 4.32 0.91 -15.27
CA ASN E 149 2.91 0.95 -14.88
C ASN E 149 2.48 -0.36 -14.22
N SER E 150 3.33 -0.90 -13.36
CA SER E 150 3.07 -2.16 -12.67
C SER E 150 3.24 -1.96 -11.18
N TYR E 151 2.48 -2.73 -10.39
CA TYR E 151 2.50 -2.59 -8.94
C TYR E 151 2.57 -3.96 -8.29
N MET E 152 3.36 -4.07 -7.22
CA MET E 152 3.45 -5.34 -6.51
C MET E 152 3.42 -5.15 -5.01
N ILE E 153 2.69 -6.06 -4.34
CA ILE E 153 2.48 -6.03 -2.90
C ILE E 153 2.76 -7.42 -2.34
N GLY E 154 3.78 -7.53 -1.50
CA GLY E 154 4.02 -8.78 -0.79
C GLY E 154 5.51 -9.03 -0.60
N ASN E 155 5.87 -10.31 -0.74
CA ASN E 155 7.22 -10.79 -0.49
C ASN E 155 7.74 -11.55 -1.70
N LYS E 156 8.95 -11.18 -2.15
CA LYS E 156 9.73 -11.93 -3.13
C LYS E 156 8.96 -12.08 -4.46
N ASN E 157 8.70 -10.93 -5.07
CA ASN E 157 8.02 -10.87 -6.36
C ASN E 157 8.96 -10.26 -7.40
N LYS E 158 8.79 -10.69 -8.65
CA LYS E 158 9.64 -10.23 -9.75
C LYS E 158 8.79 -9.90 -10.97
N ILE E 159 9.12 -8.79 -11.62
CA ILE E 159 8.57 -8.43 -12.92
C ILE E 159 9.73 -8.10 -13.84
N ALA E 160 9.76 -8.74 -15.02
CA ALA E 160 10.90 -8.61 -15.92
C ALA E 160 10.80 -7.33 -16.74
N SER E 161 11.81 -7.10 -17.57
CA SER E 161 11.86 -5.94 -18.45
C SER E 161 11.11 -6.25 -19.73
N GLY E 162 10.20 -5.35 -20.12
CA GLY E 162 9.33 -5.56 -21.25
C GLY E 162 7.94 -6.04 -20.90
N SER E 163 7.72 -6.45 -19.65
CA SER E 163 6.40 -6.85 -19.16
C SER E 163 5.78 -5.65 -18.46
N ASN E 164 4.74 -5.08 -19.05
CA ASN E 164 4.16 -3.83 -18.59
C ASN E 164 2.69 -4.05 -18.21
N ASP E 165 2.18 -3.16 -17.35
CA ASP E 165 0.79 -3.15 -16.92
C ASP E 165 0.42 -4.46 -16.21
N ASN E 166 1.11 -4.71 -15.11
CA ASN E 166 0.90 -5.92 -14.33
C ASN E 166 0.74 -5.59 -12.85
N PHE E 167 -0.08 -6.39 -12.17
CA PHE E 167 -0.40 -6.17 -10.77
C PHE E 167 -0.26 -7.48 -10.01
N ILE E 168 0.48 -7.47 -8.92
CA ILE E 168 0.72 -8.65 -8.10
C ILE E 168 0.34 -8.35 -6.67
N LEU E 169 -0.48 -9.24 -6.08
CA LEU E 169 -0.85 -9.19 -4.67
C LEU E 169 -0.60 -10.58 -4.10
N GLY E 170 0.61 -10.82 -3.62
CA GLY E 170 0.91 -12.17 -3.15
C GLY E 170 2.38 -12.38 -2.92
N ASN E 171 2.74 -13.65 -2.81
CA ASN E 171 4.10 -14.08 -2.46
C ASN E 171 4.65 -15.02 -3.52
N ASN E 172 5.94 -14.84 -3.83
CA ASN E 172 6.68 -15.76 -4.69
C ASN E 172 6.04 -15.89 -6.07
N VAL E 173 5.82 -14.75 -6.71
CA VAL E 173 5.26 -14.70 -8.07
C VAL E 173 6.31 -14.09 -8.99
N HIS E 174 6.69 -14.83 -10.01
CA HIS E 174 7.69 -14.37 -10.99
C HIS E 174 7.02 -14.29 -12.35
N ILE E 175 7.09 -13.12 -12.97
CA ILE E 175 6.51 -12.89 -14.28
C ILE E 175 7.63 -12.77 -15.30
N GLY E 176 7.56 -13.57 -16.35
CA GLY E 176 8.58 -13.58 -17.38
C GLY E 176 8.34 -12.50 -18.41
N GLY E 177 9.18 -12.53 -19.46
CA GLY E 177 9.12 -11.54 -20.51
C GLY E 177 8.03 -11.87 -21.52
N GLY E 178 7.39 -10.83 -22.04
CA GLY E 178 6.34 -10.98 -23.04
C GLY E 178 4.94 -11.06 -22.50
N ILE E 179 4.73 -10.79 -21.21
CA ILE E 179 3.41 -10.87 -20.59
C ILE E 179 2.94 -9.47 -20.23
N ASN E 180 1.76 -9.10 -20.73
CA ASN E 180 1.17 -7.79 -20.47
C ASN E 180 -0.29 -7.94 -20.10
N ASN E 181 -0.77 -6.99 -19.29
CA ASN E 181 -2.19 -6.91 -18.90
C ASN E 181 -2.64 -8.18 -18.17
N SER E 182 -1.98 -8.46 -17.04
CA SER E 182 -2.28 -9.65 -16.27
C SER E 182 -2.39 -9.31 -14.80
N VAL E 183 -3.16 -10.13 -14.08
CA VAL E 183 -3.35 -9.99 -12.64
C VAL E 183 -3.11 -11.35 -12.00
N ALA E 184 -2.38 -11.34 -10.88
CA ALA E 184 -2.08 -12.55 -10.13
C ALA E 184 -2.55 -12.37 -8.69
N LEU E 185 -3.19 -13.41 -8.14
CA LEU E 185 -3.73 -13.38 -6.79
C LEU E 185 -3.32 -14.64 -6.05
N GLY E 186 -2.91 -14.49 -4.80
CA GLY E 186 -2.65 -15.61 -3.92
C GLY E 186 -1.16 -15.91 -3.79
N ASN E 187 -0.88 -16.81 -2.85
CA ASN E 187 0.48 -17.25 -2.59
C ASN E 187 0.86 -18.38 -3.54
N ASN E 188 2.07 -18.31 -4.09
CA ASN E 188 2.60 -19.30 -5.02
C ASN E 188 1.69 -19.45 -6.23
N SER E 189 1.51 -18.34 -6.95
CA SER E 189 0.71 -18.30 -8.16
C SER E 189 1.61 -18.08 -9.38
N THR E 190 1.12 -18.52 -10.54
CA THR E 190 1.88 -18.45 -11.77
C THR E 190 1.07 -17.74 -12.85
N VAL E 191 1.75 -16.93 -13.66
CA VAL E 191 1.18 -16.29 -14.82
C VAL E 191 2.01 -16.67 -16.03
N SER E 192 1.36 -17.17 -17.07
CA SER E 192 2.05 -17.66 -18.26
C SER E 192 1.44 -17.14 -19.56
N ALA E 193 0.51 -16.19 -19.49
CA ALA E 193 -0.12 -15.67 -20.70
C ALA E 193 -0.59 -14.24 -20.44
N SER E 194 -0.84 -13.53 -21.52
CA SER E 194 -1.32 -12.16 -21.46
C SER E 194 -2.84 -12.14 -21.40
N ASN E 195 -3.38 -11.06 -20.80
CA ASN E 195 -4.83 -10.86 -20.68
C ASN E 195 -5.48 -11.99 -19.90
N THR E 196 -4.94 -12.27 -18.71
CA THR E 196 -5.41 -13.39 -17.90
C THR E 196 -5.44 -12.99 -16.43
N VAL E 197 -6.24 -13.70 -15.66
CA VAL E 197 -6.30 -13.59 -14.21
C VAL E 197 -6.09 -14.98 -13.62
N SER E 198 -5.08 -15.12 -12.76
CA SER E 198 -4.71 -16.41 -12.20
C SER E 198 -4.98 -16.44 -10.71
N VAL E 199 -5.50 -17.58 -10.24
CA VAL E 199 -5.80 -17.76 -8.82
C VAL E 199 -5.12 -19.01 -8.30
N GLY E 200 -4.02 -19.41 -8.93
CA GLY E 200 -3.31 -20.60 -8.48
C GLY E 200 -2.19 -20.95 -9.45
N SER E 201 -1.77 -22.21 -9.39
CA SER E 201 -0.70 -22.73 -10.23
C SER E 201 -1.10 -24.11 -10.73
N SER E 202 -0.16 -24.80 -11.37
CA SER E 202 -0.41 -26.11 -11.93
C SER E 202 -0.32 -27.23 -10.91
N THR E 203 0.16 -26.95 -9.69
CA THR E 203 0.23 -27.93 -8.63
C THR E 203 -0.83 -27.75 -7.56
N LEU E 204 -1.27 -26.51 -7.31
CA LEU E 204 -2.34 -26.22 -6.37
C LEU E 204 -3.32 -25.27 -7.03
N LYS E 205 -4.61 -25.60 -6.93
CA LYS E 205 -5.66 -24.79 -7.54
C LYS E 205 -6.67 -24.40 -6.47
N ARG E 206 -7.26 -23.21 -6.64
CA ARG E 206 -8.13 -22.62 -5.64
C ARG E 206 -9.55 -22.55 -6.14
N LYS E 207 -10.51 -22.73 -5.22
CA LYS E 207 -11.92 -22.60 -5.53
C LYS E 207 -12.38 -21.18 -5.28
N ILE E 208 -13.38 -20.75 -6.05
CA ILE E 208 -14.01 -19.45 -5.87
C ILE E 208 -15.40 -19.66 -5.29
N VAL E 209 -15.69 -18.99 -4.18
CA VAL E 209 -16.90 -19.24 -3.41
C VAL E 209 -17.68 -17.93 -3.27
N ASN E 210 -18.96 -18.08 -2.93
CA ASN E 210 -19.87 -16.95 -2.67
C ASN E 210 -20.04 -16.09 -3.93
N VAL E 211 -20.47 -16.74 -5.00
CA VAL E 211 -20.65 -16.11 -6.30
C VAL E 211 -22.14 -16.07 -6.64
N GLY E 212 -22.61 -14.92 -7.10
CA GLY E 212 -23.98 -14.78 -7.50
C GLY E 212 -24.26 -15.42 -8.86
N ASP E 213 -25.55 -15.49 -9.19
CA ASP E 213 -25.97 -16.14 -10.43
C ASP E 213 -25.84 -15.19 -11.61
N GLY E 214 -25.24 -15.68 -12.69
CA GLY E 214 -25.12 -14.90 -13.90
C GLY E 214 -26.27 -15.14 -14.87
N ALA E 215 -26.35 -14.26 -15.87
CA ALA E 215 -27.41 -14.36 -16.86
C ALA E 215 -27.08 -15.45 -17.88
N ILE E 216 -28.10 -16.23 -18.24
CA ILE E 216 -27.95 -17.30 -19.21
C ILE E 216 -28.63 -16.82 -20.49
N SER E 217 -27.85 -16.18 -21.37
CA SER E 217 -28.33 -15.66 -22.63
C SER E 217 -27.22 -15.78 -23.66
N ALA E 218 -27.51 -15.34 -24.90
CA ALA E 218 -26.54 -15.48 -25.98
C ALA E 218 -25.32 -14.59 -25.74
N ASN E 219 -25.55 -13.30 -25.46
CA ASN E 219 -24.45 -12.37 -25.17
C ASN E 219 -24.38 -12.13 -23.66
N SER E 220 -23.82 -13.10 -22.95
CA SER E 220 -23.69 -13.04 -21.50
C SER E 220 -22.28 -13.45 -21.10
N SER E 221 -21.47 -12.49 -20.69
CA SER E 221 -20.11 -12.75 -20.21
C SER E 221 -20.07 -12.76 -18.68
N ASP E 222 -20.85 -13.65 -18.09
CA ASP E 222 -20.93 -13.79 -16.64
C ASP E 222 -20.60 -15.22 -16.23
N ALA E 223 -20.04 -15.36 -15.04
CA ALA E 223 -19.67 -16.67 -14.53
C ALA E 223 -20.92 -17.47 -14.15
N VAL E 224 -20.76 -18.79 -14.15
CA VAL E 224 -21.85 -19.73 -13.90
C VAL E 224 -21.57 -20.48 -12.61
N THR E 225 -22.58 -20.61 -11.77
CA THR E 225 -22.47 -21.30 -10.49
C THR E 225 -22.88 -22.76 -10.62
N GLY E 226 -22.68 -23.51 -9.55
CA GLY E 226 -22.97 -24.93 -9.57
C GLY E 226 -24.44 -25.25 -9.68
N ARG E 227 -25.30 -24.50 -8.99
CA ARG E 227 -26.73 -24.74 -9.05
C ARG E 227 -27.29 -24.54 -10.44
N GLN E 228 -26.72 -23.62 -11.22
CA GLN E 228 -27.21 -23.38 -12.58
C GLN E 228 -26.93 -24.55 -13.51
N LEU E 229 -25.76 -25.18 -13.38
CA LEU E 229 -25.49 -26.40 -14.13
C LEU E 229 -26.29 -27.58 -13.59
N TYR E 230 -26.54 -27.62 -12.28
CA TYR E 230 -27.33 -28.70 -11.70
C TYR E 230 -28.78 -28.67 -12.16
N SER E 231 -29.37 -27.48 -12.28
CA SER E 231 -30.79 -27.36 -12.65
C SER E 231 -30.99 -27.39 -14.17
N GLY E 232 -30.37 -26.46 -14.88
CA GLY E 232 -30.49 -26.38 -16.32
C GLY E 232 -31.46 -25.33 -16.85
N ASN E 233 -31.81 -24.34 -16.03
CA ASN E 233 -32.77 -23.32 -16.47
C ASN E 233 -32.14 -22.36 -17.47
N GLY E 234 -32.92 -21.93 -18.45
CA GLY E 234 -32.52 -20.89 -19.36
C GLY E 234 -31.66 -21.30 -20.52
N ILE E 235 -31.59 -22.59 -20.84
CA ILE E 235 -30.74 -23.06 -21.93
C ILE E 235 -31.53 -23.02 -23.23
N ASP E 236 -30.81 -23.04 -24.35
CA ASP E 236 -31.42 -23.08 -25.67
C ASP E 236 -31.83 -24.50 -25.99
N THR E 237 -33.14 -24.76 -26.02
CA THR E 237 -33.63 -26.12 -26.19
C THR E 237 -33.27 -26.68 -27.58
N ALA E 238 -33.38 -25.84 -28.62
CA ALA E 238 -33.14 -26.33 -29.97
C ALA E 238 -31.69 -26.75 -30.18
N ALA E 239 -30.74 -25.96 -29.67
CA ALA E 239 -29.33 -26.29 -29.85
C ALA E 239 -28.96 -27.57 -29.12
N TRP E 240 -29.42 -27.72 -27.87
CA TRP E 240 -29.13 -28.95 -27.13
C TRP E 240 -29.84 -30.14 -27.74
N GLN E 241 -30.98 -29.91 -28.39
CA GLN E 241 -31.72 -31.01 -29.00
C GLN E 241 -31.08 -31.47 -30.30
N ASN E 242 -30.54 -30.54 -31.09
CA ASN E 242 -29.90 -30.93 -32.34
C ASN E 242 -28.40 -31.21 -32.18
N LYS E 243 -27.85 -31.01 -30.99
CA LYS E 243 -26.48 -31.45 -30.74
C LYS E 243 -26.45 -32.92 -30.31
N LEU E 244 -27.18 -33.24 -29.24
CA LEU E 244 -27.42 -34.63 -28.86
C LEU E 244 -28.66 -35.09 -29.60
N ASN E 245 -28.48 -35.92 -30.63
CA ASN E 245 -29.61 -36.37 -31.44
C ASN E 245 -30.65 -37.04 -30.56
N VAL E 246 -31.79 -36.40 -30.41
CA VAL E 246 -32.81 -36.80 -29.44
C VAL E 246 -34.15 -36.97 -30.15
N THR E 247 -34.84 -38.04 -29.84
CA THR E 247 -36.20 -38.24 -30.35
C THR E 247 -37.18 -37.60 -29.37
N ARG E 248 -37.87 -36.56 -29.82
CA ARG E 248 -38.75 -35.80 -28.95
C ARG E 248 -39.95 -36.65 -28.57
N LYS E 249 -40.34 -36.58 -27.30
CA LYS E 249 -41.33 -37.51 -26.77
C LYS E 249 -42.70 -37.29 -27.43
N ASN E 250 -43.06 -36.03 -27.69
CA ASN E 250 -44.34 -35.77 -28.36
C ASN E 250 -44.34 -36.30 -29.79
N ASP E 251 -43.16 -36.48 -30.38
CA ASP E 251 -43.02 -37.07 -31.71
C ASP E 251 -42.98 -38.60 -31.67
N TYR E 252 -42.95 -39.19 -30.47
CA TYR E 252 -42.83 -40.63 -30.32
C TYR E 252 -44.17 -41.33 -30.06
N LYS E 253 -45.15 -40.60 -29.56
CA LYS E 253 -46.47 -41.17 -29.30
C LYS E 253 -47.40 -41.06 -30.50
N ASP E 254 -46.90 -40.53 -31.61
CA ASP E 254 -47.69 -40.42 -32.83
C ASP E 254 -46.97 -40.87 -34.09
N ALA E 255 -45.78 -41.47 -33.98
CA ALA E 255 -45.05 -42.04 -35.11
C ALA E 255 -44.79 -41.00 -36.19
N ASN E 256 -44.00 -39.98 -35.83
CA ASN E 256 -43.58 -38.94 -36.76
C ASN E 256 -42.13 -39.19 -37.18
N ASP E 257 -41.88 -38.95 -38.47
CA ASP E 257 -40.55 -39.14 -39.06
C ASP E 257 -40.07 -40.58 -38.90
N ILE E 258 -40.91 -41.52 -39.32
CA ILE E 258 -40.59 -42.95 -39.26
C ILE E 258 -40.55 -43.49 -40.68
N ASP E 259 -39.48 -44.19 -41.01
CA ASP E 259 -39.37 -44.87 -42.30
C ASP E 259 -40.21 -46.13 -42.24
N VAL E 260 -41.29 -46.16 -43.02
CA VAL E 260 -42.28 -47.24 -42.90
C VAL E 260 -41.70 -48.57 -43.38
N ASN E 261 -40.87 -48.53 -44.41
CA ASN E 261 -40.40 -49.76 -45.03
C ASN E 261 -39.60 -50.62 -44.06
N LYS E 262 -38.63 -50.01 -43.37
CA LYS E 262 -37.79 -50.77 -42.44
C LYS E 262 -38.56 -51.24 -41.22
N TRP E 263 -39.55 -50.47 -40.76
CA TRP E 263 -40.36 -50.91 -39.62
C TRP E 263 -41.28 -52.07 -40.01
N LYS E 264 -41.81 -52.05 -41.23
CA LYS E 264 -42.60 -53.19 -41.71
C LYS E 264 -41.72 -54.42 -41.91
N ALA E 265 -40.47 -54.22 -42.33
CA ALA E 265 -39.58 -55.35 -42.57
C ALA E 265 -39.33 -56.15 -41.29
N LYS E 266 -39.07 -55.46 -40.18
CA LYS E 266 -38.78 -56.16 -38.93
C LYS E 266 -40.01 -56.82 -38.35
N LEU E 267 -41.13 -56.12 -38.30
CA LEU E 267 -42.34 -56.65 -37.71
C LEU E 267 -43.09 -57.58 -38.68
N LYS F 2 44.00 -6.82 8.08
CA LYS F 2 43.41 -6.50 6.78
C LYS F 2 42.77 -7.73 6.15
N LEU F 3 41.60 -7.54 5.52
CA LEU F 3 40.88 -8.65 4.93
C LEU F 3 41.69 -9.25 3.79
N THR F 4 41.97 -10.55 3.88
CA THR F 4 42.78 -11.23 2.88
C THR F 4 42.10 -12.52 2.44
N ILE F 5 42.34 -12.91 1.19
CA ILE F 5 41.80 -14.13 0.61
C ILE F 5 42.97 -15.02 0.23
N GLU F 6 42.90 -16.30 0.57
CA GLU F 6 43.93 -17.25 0.18
C GLU F 6 43.30 -18.49 -0.43
N SER F 7 44.03 -19.12 -1.34
CA SER F 7 43.52 -20.23 -2.13
C SER F 7 44.30 -21.50 -1.82
N THR F 8 43.57 -22.61 -1.71
CA THR F 8 44.18 -23.92 -1.48
C THR F 8 43.61 -24.96 -2.45
N PRO F 9 44.44 -25.56 -3.30
CA PRO F 9 45.85 -25.24 -3.56
C PRO F 9 45.99 -24.12 -4.58
N PHE F 10 47.14 -23.44 -4.64
CA PHE F 10 47.32 -22.40 -5.64
C PHE F 10 47.35 -22.98 -7.04
N ASN F 11 48.07 -24.08 -7.24
CA ASN F 11 48.05 -24.82 -8.49
C ASN F 11 47.10 -26.00 -8.35
N VAL F 12 46.09 -26.04 -9.21
CA VAL F 12 44.97 -26.98 -9.09
C VAL F 12 45.00 -27.92 -10.29
N ALA F 13 44.58 -29.16 -10.06
CA ALA F 13 44.49 -30.15 -11.13
C ALA F 13 43.24 -29.88 -11.96
N GLU F 14 43.00 -30.73 -12.95
CA GLU F 14 41.89 -30.56 -13.88
C GLU F 14 40.62 -31.27 -13.42
N GLY F 15 40.65 -31.97 -12.29
CA GLY F 15 39.47 -32.65 -11.80
C GLY F 15 39.29 -32.60 -10.29
N LYS F 16 40.15 -31.87 -9.60
CA LYS F 16 40.07 -31.74 -8.16
C LYS F 16 39.25 -30.50 -7.79
N GLU F 17 39.31 -30.11 -6.51
CA GLU F 17 38.55 -28.99 -6.00
C GLU F 17 39.50 -27.91 -5.48
N VAL F 18 38.95 -26.70 -5.30
CA VAL F 18 39.69 -25.56 -4.80
C VAL F 18 38.88 -24.89 -3.70
N LEU F 19 39.56 -24.47 -2.64
CA LEU F 19 38.94 -23.83 -1.48
C LEU F 19 39.51 -22.43 -1.31
N LEU F 20 38.64 -21.44 -1.28
CA LEU F 20 39.02 -20.05 -1.03
C LEU F 20 38.62 -19.69 0.39
N LEU F 21 39.61 -19.32 1.20
CA LEU F 21 39.44 -19.00 2.62
C LEU F 21 39.76 -17.54 2.87
N VAL F 22 39.24 -17.02 3.98
CA VAL F 22 39.30 -15.60 4.31
C VAL F 22 39.96 -15.43 5.67
N HIS F 23 40.93 -14.51 5.73
CA HIS F 23 41.54 -14.12 6.99
C HIS F 23 41.22 -12.66 7.30
N ASN F 24 41.09 -12.38 8.60
CA ASN F 24 40.76 -11.05 9.13
C ASN F 24 39.33 -10.65 8.76
N LEU F 25 38.40 -11.55 8.96
CA LEU F 25 36.99 -11.25 8.71
C LEU F 25 36.48 -10.27 9.75
N PRO F 26 35.88 -9.15 9.34
CA PRO F 26 35.31 -8.22 10.32
C PRO F 26 34.14 -8.83 11.08
N GLN F 27 34.05 -8.43 12.33
CA GLN F 27 32.92 -8.92 13.16
C GLN F 27 31.71 -8.01 12.93
N HIS F 28 30.52 -8.43 13.35
CA HIS F 28 29.26 -7.71 13.22
C HIS F 28 28.94 -7.44 11.75
N LEU F 29 28.75 -8.52 11.01
CA LEU F 29 28.48 -8.46 9.59
C LEU F 29 26.97 -8.45 9.32
N PHE F 30 26.62 -8.25 8.04
CA PHE F 30 25.25 -8.36 7.58
C PHE F 30 25.09 -9.36 6.45
N GLY F 31 26.08 -9.45 5.56
CA GLY F 31 26.04 -10.41 4.47
C GLY F 31 27.29 -10.28 3.63
N TYR F 32 27.47 -11.23 2.72
CA TYR F 32 28.61 -11.23 1.83
C TYR F 32 28.25 -11.98 0.55
N SER F 33 29.01 -11.69 -0.52
CA SER F 33 28.74 -12.27 -1.82
C SER F 33 30.07 -12.50 -2.54
N TRP F 34 30.04 -13.34 -3.56
CA TRP F 34 31.21 -13.72 -4.33
C TRP F 34 31.02 -13.32 -5.79
N TYR F 35 32.08 -12.78 -6.40
CA TYR F 35 32.03 -12.27 -7.75
C TYR F 35 33.12 -12.90 -8.60
N LYS F 36 32.94 -12.79 -9.91
CA LYS F 36 33.92 -13.25 -10.91
C LYS F 36 34.58 -12.03 -11.53
N GLY F 37 35.87 -11.84 -11.25
CA GLY F 37 36.60 -10.71 -11.78
C GLY F 37 37.27 -9.87 -10.72
N GLU F 38 37.54 -8.60 -11.03
CA GLU F 38 38.21 -7.68 -10.11
C GLU F 38 37.35 -6.48 -9.77
N ARG F 39 36.04 -6.57 -9.96
CA ARG F 39 35.16 -5.44 -9.67
C ARG F 39 33.80 -5.98 -9.25
N VAL F 40 33.08 -5.18 -8.46
CA VAL F 40 31.75 -5.55 -7.97
C VAL F 40 30.77 -5.28 -9.10
N ASP F 41 30.56 -6.28 -9.94
CA ASP F 41 29.66 -6.19 -11.08
C ASP F 41 28.45 -7.08 -10.85
N GLY F 42 27.25 -6.54 -11.12
CA GLY F 42 26.03 -7.30 -10.88
C GLY F 42 25.89 -8.52 -11.76
N ASN F 43 26.35 -8.44 -13.02
CA ASN F 43 26.17 -9.53 -13.97
C ASN F 43 27.14 -10.68 -13.76
N ARG F 44 28.10 -10.55 -12.86
CA ARG F 44 29.15 -11.55 -12.65
C ARG F 44 29.20 -11.95 -11.17
N GLN F 45 28.01 -12.21 -10.61
CA GLN F 45 27.89 -12.64 -9.19
C GLN F 45 27.58 -14.14 -9.16
N ILE F 46 28.22 -14.87 -8.26
CA ILE F 46 28.05 -16.32 -8.18
C ILE F 46 27.03 -16.69 -7.11
N ILE F 47 27.31 -16.36 -5.86
CA ILE F 47 26.48 -16.79 -4.74
C ILE F 47 26.59 -15.77 -3.62
N GLY F 48 25.53 -15.65 -2.82
CA GLY F 48 25.51 -14.72 -1.71
C GLY F 48 24.84 -15.34 -0.50
N TYR F 49 25.18 -14.78 0.66
CA TYR F 49 24.71 -15.30 1.94
C TYR F 49 24.19 -14.15 2.80
N VAL F 50 23.10 -14.41 3.51
CA VAL F 50 22.49 -13.47 4.44
C VAL F 50 22.45 -14.13 5.81
N ILE F 51 22.97 -13.42 6.82
CA ILE F 51 23.15 -14.00 8.15
C ILE F 51 21.86 -13.98 8.95
N GLY F 52 21.10 -12.89 8.88
CA GLY F 52 19.93 -12.72 9.72
C GLY F 52 18.86 -13.78 9.53
N THR F 53 18.76 -14.35 8.33
CA THR F 53 17.81 -15.40 8.06
C THR F 53 18.47 -16.72 7.65
N GLN F 54 19.79 -16.81 7.70
CA GLN F 54 20.54 -17.99 7.31
C GLN F 54 20.18 -18.44 5.89
N GLN F 55 20.35 -17.52 4.94
CA GLN F 55 19.90 -17.73 3.57
C GLN F 55 21.09 -17.75 2.62
N ALA F 56 21.05 -18.66 1.65
CA ALA F 56 22.04 -18.73 0.58
C ALA F 56 21.33 -18.67 -0.76
N THR F 57 21.75 -17.76 -1.63
CA THR F 57 21.07 -17.59 -2.93
C THR F 57 22.08 -17.56 -4.03
N PRO F 58 21.88 -18.31 -5.12
CA PRO F 58 22.77 -18.26 -6.29
C PRO F 58 22.59 -16.97 -7.07
N GLY F 59 23.52 -16.72 -7.98
CA GLY F 59 23.51 -15.52 -8.78
C GLY F 59 23.47 -15.82 -10.27
N PRO F 60 23.60 -14.77 -11.09
CA PRO F 60 23.57 -14.98 -12.54
C PRO F 60 24.65 -15.92 -13.05
N ALA F 61 25.84 -15.91 -12.44
CA ALA F 61 26.95 -16.78 -12.84
C ALA F 61 26.99 -17.95 -11.85
N TYR F 62 26.13 -18.94 -12.09
CA TYR F 62 26.04 -20.11 -11.22
C TYR F 62 25.99 -21.36 -12.09
N SER F 63 27.12 -22.05 -12.20
CA SER F 63 27.18 -23.28 -12.99
C SER F 63 26.71 -24.50 -12.22
N GLY F 64 26.52 -24.38 -10.90
CA GLY F 64 26.08 -25.49 -10.07
C GLY F 64 27.19 -26.26 -9.38
N ARG F 65 28.41 -25.73 -9.33
CA ARG F 65 29.54 -26.43 -8.74
C ARG F 65 30.14 -25.67 -7.57
N GLU F 66 29.43 -24.69 -7.02
CA GLU F 66 29.97 -23.79 -6.02
C GLU F 66 29.19 -23.91 -4.72
N ILE F 67 29.91 -23.93 -3.60
CA ILE F 67 29.32 -24.06 -2.28
C ILE F 67 29.88 -22.97 -1.38
N ILE F 68 28.99 -22.28 -0.66
CA ILE F 68 29.39 -21.25 0.28
C ILE F 68 29.38 -21.84 1.69
N TYR F 69 30.14 -21.22 2.58
CA TYR F 69 30.19 -21.67 3.97
C TYR F 69 29.93 -20.51 4.92
N PRO F 70 29.44 -20.79 6.13
CA PRO F 70 29.08 -19.69 7.06
C PRO F 70 30.26 -18.85 7.51
N ASN F 71 31.50 -19.33 7.39
CA ASN F 71 32.68 -18.54 7.72
C ASN F 71 33.19 -17.76 6.51
N ALA F 72 32.32 -17.51 5.53
CA ALA F 72 32.64 -16.77 4.31
C ALA F 72 33.80 -17.43 3.56
N SER F 73 33.57 -18.69 3.17
CA SER F 73 34.55 -19.41 2.38
C SER F 73 33.84 -20.10 1.22
N LEU F 74 34.59 -20.33 0.13
CA LEU F 74 34.01 -20.81 -1.11
C LEU F 74 34.68 -22.11 -1.53
N LEU F 75 33.89 -23.04 -2.06
CA LEU F 75 34.38 -24.32 -2.56
C LEU F 75 33.93 -24.47 -4.00
N ILE F 76 34.88 -24.74 -4.90
CA ILE F 76 34.59 -24.97 -6.31
C ILE F 76 35.14 -26.34 -6.69
N GLN F 77 34.28 -27.19 -7.26
CA GLN F 77 34.64 -28.57 -7.57
C GLN F 77 34.45 -28.83 -9.06
N ASN F 78 35.17 -29.84 -9.56
CA ASN F 78 35.20 -30.19 -10.98
C ASN F 78 35.67 -29.00 -11.82
N ILE F 79 36.93 -28.64 -11.60
CA ILE F 79 37.53 -27.48 -12.24
C ILE F 79 37.73 -27.77 -13.72
N ILE F 80 37.33 -26.83 -14.58
CA ILE F 80 37.65 -26.89 -15.99
C ILE F 80 38.51 -25.68 -16.34
N GLN F 81 38.99 -25.62 -17.59
CA GLN F 81 40.07 -24.72 -17.97
C GLN F 81 39.64 -23.25 -18.01
N ASN F 82 38.34 -22.96 -18.03
CA ASN F 82 37.86 -21.59 -18.11
C ASN F 82 37.52 -21.01 -16.74
N ASP F 83 37.93 -21.67 -15.65
CA ASP F 83 37.67 -21.21 -14.30
C ASP F 83 38.90 -20.60 -13.65
N THR F 84 39.92 -20.27 -14.43
CA THR F 84 41.19 -19.74 -13.92
C THR F 84 41.17 -18.21 -13.96
N GLY F 85 41.59 -17.60 -12.87
CA GLY F 85 41.70 -16.16 -12.83
C GLY F 85 41.45 -15.63 -11.43
N PHE F 86 40.68 -14.53 -11.37
CA PHE F 86 40.48 -13.74 -10.17
C PHE F 86 39.06 -13.91 -9.64
N TYR F 87 38.93 -13.82 -8.33
CA TYR F 87 37.64 -13.78 -7.65
C TYR F 87 37.64 -12.66 -6.63
N THR F 88 36.48 -12.03 -6.44
CA THR F 88 36.36 -10.87 -5.58
C THR F 88 35.28 -11.10 -4.53
N LEU F 89 35.59 -10.73 -3.29
CA LEU F 89 34.68 -10.89 -2.16
C LEU F 89 34.22 -9.51 -1.70
N HIS F 90 32.90 -9.37 -1.55
CA HIS F 90 32.26 -8.15 -1.08
C HIS F 90 31.62 -8.42 0.27
N VAL F 91 31.93 -7.57 1.26
CA VAL F 91 31.49 -7.74 2.63
C VAL F 91 30.69 -6.51 3.05
N ILE F 92 29.53 -6.74 3.66
CA ILE F 92 28.67 -5.68 4.16
C ILE F 92 28.67 -5.74 5.68
N LYS F 93 29.00 -4.61 6.31
CA LYS F 93 29.01 -4.54 7.76
C LYS F 93 27.63 -4.14 8.29
N SER F 94 27.49 -4.18 9.60
CA SER F 94 26.17 -3.90 10.22
C SER F 94 25.81 -2.41 10.07
N ASP F 95 26.81 -1.54 9.91
CA ASP F 95 26.56 -0.12 9.70
C ASP F 95 26.45 0.25 8.23
N LEU F 96 26.18 -0.72 7.37
CA LEU F 96 25.92 -0.55 5.94
C LEU F 96 27.16 -0.10 5.16
N VAL F 97 28.35 -0.18 5.74
CA VAL F 97 29.57 0.16 5.04
C VAL F 97 30.14 -1.12 4.40
N ASN F 98 30.79 -0.96 3.25
CA ASN F 98 31.23 -2.08 2.44
C ASN F 98 32.75 -2.21 2.45
N GLU F 99 33.21 -3.44 2.20
CA GLU F 99 34.62 -3.75 2.05
C GLU F 99 34.78 -4.77 0.94
N GLU F 100 35.97 -4.82 0.34
CA GLU F 100 36.24 -5.71 -0.77
C GLU F 100 37.61 -6.36 -0.62
N ALA F 101 37.76 -7.53 -1.24
CA ALA F 101 39.02 -8.26 -1.25
C ALA F 101 39.12 -9.06 -2.55
N THR F 102 40.34 -9.45 -2.90
CA THR F 102 40.59 -10.11 -4.18
C THR F 102 41.53 -11.31 -3.99
N GLY F 103 41.26 -12.38 -4.75
CA GLY F 103 42.11 -13.55 -4.75
C GLY F 103 42.28 -14.08 -6.17
N GLN F 104 43.25 -14.98 -6.32
CA GLN F 104 43.68 -15.40 -7.65
C GLN F 104 44.14 -16.85 -7.62
N PHE F 105 43.87 -17.57 -8.70
CA PHE F 105 44.50 -18.88 -8.91
C PHE F 105 44.47 -19.23 -10.40
N ARG F 106 45.29 -20.21 -10.76
CA ARG F 106 45.45 -20.66 -12.13
C ARG F 106 45.18 -22.15 -12.22
N VAL F 107 44.85 -22.61 -13.42
CA VAL F 107 44.54 -24.02 -13.70
C VAL F 107 45.50 -24.50 -14.78
N TYR F 108 46.12 -25.66 -14.54
CA TYR F 108 47.02 -26.25 -15.51
C TYR F 108 46.56 -27.67 -15.87
N PRO F 109 46.77 -28.10 -17.12
CA PRO F 109 46.40 -29.45 -17.55
C PRO F 109 47.27 -30.52 -16.91
#